data_205D
# 
_entry.id   205D 
# 
_audit_conform.dict_name       mmcif_pdbx.dic 
_audit_conform.dict_version    5.387 
_audit_conform.dict_location   http://mmcif.pdb.org/dictionaries/ascii/mmcif_pdbx.dic 
# 
loop_
_database_2.database_id 
_database_2.database_code 
_database_2.pdbx_database_accession 
_database_2.pdbx_DOI 
PDB   205D         pdb_0000205d 10.2210/pdb205d/pdb 
RCSB  URL029       ?            ?                   
WWPDB D_1000177556 ?            ?                   
# 
loop_
_pdbx_audit_revision_history.ordinal 
_pdbx_audit_revision_history.data_content_type 
_pdbx_audit_revision_history.major_revision 
_pdbx_audit_revision_history.minor_revision 
_pdbx_audit_revision_history.revision_date 
1 'Structure model' 1 0 1995-09-15 
2 'Structure model' 1 1 2008-05-22 
3 'Structure model' 1 2 2011-07-13 
4 'Structure model' 1 3 2024-02-14 
# 
_pdbx_audit_revision_details.ordinal             1 
_pdbx_audit_revision_details.revision_ordinal    1 
_pdbx_audit_revision_details.data_content_type   'Structure model' 
_pdbx_audit_revision_details.provider            repository 
_pdbx_audit_revision_details.type                'Initial release' 
_pdbx_audit_revision_details.description         ? 
_pdbx_audit_revision_details.details             ? 
# 
loop_
_pdbx_audit_revision_group.ordinal 
_pdbx_audit_revision_group.revision_ordinal 
_pdbx_audit_revision_group.data_content_type 
_pdbx_audit_revision_group.group 
1 2 'Structure model' 'Version format compliance' 
2 3 'Structure model' 'Version format compliance' 
3 4 'Structure model' 'Data collection'           
4 4 'Structure model' 'Database references'       
# 
loop_
_pdbx_audit_revision_category.ordinal 
_pdbx_audit_revision_category.revision_ordinal 
_pdbx_audit_revision_category.data_content_type 
_pdbx_audit_revision_category.category 
1 4 'Structure model' chem_comp_atom 
2 4 'Structure model' chem_comp_bond 
3 4 'Structure model' database_2     
# 
loop_
_pdbx_audit_revision_item.ordinal 
_pdbx_audit_revision_item.revision_ordinal 
_pdbx_audit_revision_item.data_content_type 
_pdbx_audit_revision_item.item 
1 4 'Structure model' '_database_2.pdbx_DOI'                
2 4 'Structure model' '_database_2.pdbx_database_accession' 
# 
_pdbx_database_status.status_code                     REL 
_pdbx_database_status.entry_id                        205D 
_pdbx_database_status.recvd_initial_deposition_date   1995-04-14 
_pdbx_database_status.deposit_site                    BNL 
_pdbx_database_status.process_site                    NDB 
_pdbx_database_status.SG_entry                        . 
_pdbx_database_status.pdb_format_compatible           Y 
_pdbx_database_status.status_code_mr                  ? 
_pdbx_database_status.status_code_sf                  ? 
_pdbx_database_status.status_code_cs                  ? 
_pdbx_database_status.status_code_nmr_data            ? 
_pdbx_database_status.methods_development_category    ? 
# 
loop_
_audit_author.name 
_audit_author.pdbx_ordinal 
'Baeyens, K.J.'  1 
'De Bondt, H.L.' 2 
'Holbrook, S.R.' 3 
# 
_citation.id                        primary 
_citation.title                     'Structure of an RNA double helix including uracil-uracil base pairs in an internal loop.' 
_citation.journal_abbrev            Nat.Struct.Biol. 
_citation.journal_volume            2 
_citation.page_first                56 
_citation.page_last                 62 
_citation.year                      1995 
_citation.journal_id_ASTM           NSBIEW 
_citation.country                   US 
_citation.journal_id_ISSN           1072-8368 
_citation.journal_id_CSD            2024 
_citation.book_publisher            ? 
_citation.pdbx_database_id_PubMed   7719854 
_citation.pdbx_database_id_DOI      10.1038/nsb0195-56 
# 
loop_
_citation_author.citation_id 
_citation_author.name 
_citation_author.ordinal 
_citation_author.identifier_ORCID 
primary 'Baeyens, K.J.'  1 ? 
primary 'De Bondt, H.L.' 2 ? 
primary 'Holbrook, S.R.' 3 ? 
# 
loop_
_entity.id 
_entity.type 
_entity.src_method 
_entity.pdbx_description 
_entity.formula_weight 
_entity.pdbx_number_of_molecules 
_entity.pdbx_ec 
_entity.pdbx_mutation 
_entity.pdbx_fragment 
_entity.details 
1 polymer man 
;RNA (5'-R(*GP*GP*AP*CP*UP*UP*UP*GP*GP*UP*CP*C)-3')
;
3805.280 2  ? ? ? ? 
2 water   nat water                                                18.015   39 ? ? ? ? 
# 
_entity_poly.entity_id                      1 
_entity_poly.type                           polyribonucleotide 
_entity_poly.nstd_linkage                   no 
_entity_poly.nstd_monomer                   no 
_entity_poly.pdbx_seq_one_letter_code       GGACUUUGGUCC 
_entity_poly.pdbx_seq_one_letter_code_can   GGACUUUGGUCC 
_entity_poly.pdbx_strand_id                 A,B 
_entity_poly.pdbx_target_identifier         ? 
# 
_pdbx_entity_nonpoly.entity_id   2 
_pdbx_entity_nonpoly.name        water 
_pdbx_entity_nonpoly.comp_id     HOH 
# 
loop_
_entity_poly_seq.entity_id 
_entity_poly_seq.num 
_entity_poly_seq.mon_id 
_entity_poly_seq.hetero 
1 1  G n 
1 2  G n 
1 3  A n 
1 4  C n 
1 5  U n 
1 6  U n 
1 7  U n 
1 8  G n 
1 9  G n 
1 10 U n 
1 11 C n 
1 12 C n 
# 
loop_
_chem_comp.id 
_chem_comp.type 
_chem_comp.mon_nstd_flag 
_chem_comp.name 
_chem_comp.pdbx_synonyms 
_chem_comp.formula 
_chem_comp.formula_weight 
A   'RNA linking' y "ADENOSINE-5'-MONOPHOSPHATE" ? 'C10 H14 N5 O7 P' 347.221 
C   'RNA linking' y "CYTIDINE-5'-MONOPHOSPHATE"  ? 'C9 H14 N3 O8 P'  323.197 
G   'RNA linking' y "GUANOSINE-5'-MONOPHOSPHATE" ? 'C10 H14 N5 O8 P' 363.221 
HOH non-polymer   . WATER                        ? 'H2 O'            18.015  
U   'RNA linking' y "URIDINE-5'-MONOPHOSPHATE"   ? 'C9 H13 N2 O9 P'  324.181 
# 
loop_
_pdbx_poly_seq_scheme.asym_id 
_pdbx_poly_seq_scheme.entity_id 
_pdbx_poly_seq_scheme.seq_id 
_pdbx_poly_seq_scheme.mon_id 
_pdbx_poly_seq_scheme.ndb_seq_num 
_pdbx_poly_seq_scheme.pdb_seq_num 
_pdbx_poly_seq_scheme.auth_seq_num 
_pdbx_poly_seq_scheme.pdb_mon_id 
_pdbx_poly_seq_scheme.auth_mon_id 
_pdbx_poly_seq_scheme.pdb_strand_id 
_pdbx_poly_seq_scheme.pdb_ins_code 
_pdbx_poly_seq_scheme.hetero 
A 1 1  G 1  1  1  G G A . n 
A 1 2  G 2  2  2  G G A . n 
A 1 3  A 3  3  3  A A A . n 
A 1 4  C 4  4  4  C C A . n 
A 1 5  U 5  5  5  U U A . n 
A 1 6  U 6  6  6  U U A . n 
A 1 7  U 7  7  7  U U A . n 
A 1 8  G 8  8  8  G G A . n 
A 1 9  G 9  9  9  G G A . n 
A 1 10 U 10 10 10 U U A . n 
A 1 11 C 11 11 11 C C A . n 
A 1 12 C 12 12 12 C C A . n 
B 1 1  G 1  13 13 G G B . n 
B 1 2  G 2  14 14 G G B . n 
B 1 3  A 3  15 15 A A B . n 
B 1 4  C 4  16 16 C C B . n 
B 1 5  U 5  17 17 U U B . n 
B 1 6  U 6  18 18 U U B . n 
B 1 7  U 7  19 19 U U B . n 
B 1 8  G 8  20 20 G G B . n 
B 1 9  G 9  21 21 G G B . n 
B 1 10 U 10 22 22 U U B . n 
B 1 11 C 11 23 23 C C B . n 
B 1 12 C 12 24 24 C C B . n 
# 
loop_
_pdbx_nonpoly_scheme.asym_id 
_pdbx_nonpoly_scheme.entity_id 
_pdbx_nonpoly_scheme.mon_id 
_pdbx_nonpoly_scheme.ndb_seq_num 
_pdbx_nonpoly_scheme.pdb_seq_num 
_pdbx_nonpoly_scheme.auth_seq_num 
_pdbx_nonpoly_scheme.pdb_mon_id 
_pdbx_nonpoly_scheme.auth_mon_id 
_pdbx_nonpoly_scheme.pdb_strand_id 
_pdbx_nonpoly_scheme.pdb_ins_code 
C 2 HOH 1  25 25 HOH HOH A . 
C 2 HOH 2  27 27 HOH HOH A . 
C 2 HOH 3  29 29 HOH HOH A . 
C 2 HOH 4  31 31 HOH HOH A . 
C 2 HOH 5  32 32 HOH HOH A . 
C 2 HOH 6  33 33 HOH HOH A . 
C 2 HOH 7  35 35 HOH HOH A . 
C 2 HOH 8  36 36 HOH HOH A . 
C 2 HOH 9  37 37 HOH HOH A . 
C 2 HOH 10 39 39 HOH HOH A . 
C 2 HOH 11 41 41 HOH HOH A . 
C 2 HOH 12 45 45 HOH HOH A . 
C 2 HOH 13 47 47 HOH HOH A . 
C 2 HOH 14 48 48 HOH HOH A . 
C 2 HOH 15 49 49 HOH HOH A . 
C 2 HOH 16 50 50 HOH HOH A . 
C 2 HOH 17 52 52 HOH HOH A . 
C 2 HOH 18 54 54 HOH HOH A . 
C 2 HOH 19 55 55 HOH HOH A . 
C 2 HOH 20 58 58 HOH HOH A . 
C 2 HOH 21 62 62 HOH HOH A . 
C 2 HOH 22 63 63 HOH HOH A . 
D 2 HOH 1  26 26 HOH HOH B . 
D 2 HOH 2  28 28 HOH HOH B . 
D 2 HOH 3  30 30 HOH HOH B . 
D 2 HOH 4  34 34 HOH HOH B . 
D 2 HOH 5  38 38 HOH HOH B . 
D 2 HOH 6  40 40 HOH HOH B . 
D 2 HOH 7  42 42 HOH HOH B . 
D 2 HOH 8  43 43 HOH HOH B . 
D 2 HOH 9  44 44 HOH HOH B . 
D 2 HOH 10 46 46 HOH HOH B . 
D 2 HOH 11 51 51 HOH HOH B . 
D 2 HOH 12 53 53 HOH HOH B . 
D 2 HOH 13 56 56 HOH HOH B . 
D 2 HOH 14 57 57 HOH HOH B . 
D 2 HOH 15 59 59 HOH HOH B . 
D 2 HOH 16 60 60 HOH HOH B . 
D 2 HOH 17 61 61 HOH HOH B . 
# 
_software.name             X-PLOR 
_software.classification   refinement 
_software.version          . 
_software.citation_id      ? 
_software.pdbx_ordinal     1 
# 
_cell.entry_id           205D 
_cell.length_a           32.440 
_cell.length_b           32.440 
_cell.length_c           85.480 
_cell.angle_alpha        90.00 
_cell.angle_beta         90.00 
_cell.angle_gamma        90.00 
_cell.Z_PDB              8 
_cell.pdbx_unique_axis   ? 
# 
_symmetry.entry_id                         205D 
_symmetry.space_group_name_H-M             'P 41' 
_symmetry.pdbx_full_space_group_name_H-M   ? 
_symmetry.cell_setting                     ? 
_symmetry.Int_Tables_number                76 
# 
_exptl.entry_id          205D 
_exptl.method            'X-RAY DIFFRACTION' 
_exptl.crystals_number   ? 
# 
_exptl_crystal.id                    1 
_exptl_crystal.density_meas          ? 
_exptl_crystal.density_Matthews      2.95 
_exptl_crystal.density_percent_sol   57.0000 
_exptl_crystal.description           ? 
# 
_exptl_crystal_grow.crystal_id      1 
_exptl_crystal_grow.method          'VAPOR DIFFUSION, HANGING DROP' 
_exptl_crystal_grow.temp            ? 
_exptl_crystal_grow.temp_details    ? 
_exptl_crystal_grow.pH              5.60 
_exptl_crystal_grow.pdbx_details    'pH 5.60, VAPOR DIFFUSION, HANGING DROP' 
_exptl_crystal_grow.pdbx_pH_range   ? 
# 
loop_
_exptl_crystal_grow_comp.crystal_id 
_exptl_crystal_grow_comp.id 
_exptl_crystal_grow_comp.sol_id 
_exptl_crystal_grow_comp.name 
_exptl_crystal_grow_comp.volume 
_exptl_crystal_grow_comp.conc 
_exptl_crystal_grow_comp.details 
1 1 1 WATER         ? ? ? 
1 2 1 PEG           ? ? ? 
1 3 1 EDTA          ? ? ? 
1 4 1 'NH4 ACETATE' ? ? ? 
1 5 1 'NA CITRATE'  ? ? ? 
1 6 1 SPERMINE_HCL  ? ? ? 
1 7 2 WATER         ? ? ? 
1 8 2 PEG           ? ? ? 
# 
_diffrn.id                     1 
_diffrn.crystal_id             1 
_diffrn.ambient_temp           ? 
_diffrn.ambient_temp_details   ? 
# 
_diffrn_detector.diffrn_id              1 
_diffrn_detector.detector               'IMAGE PLATE' 
_diffrn_detector.type                   MARRESEARCH 
_diffrn_detector.pdbx_collection_date   1993-07-01 
_diffrn_detector.details                ? 
# 
_diffrn_radiation.diffrn_id                        1 
_diffrn_radiation.wavelength_id                    1 
_diffrn_radiation.pdbx_monochromatic_or_laue_m_l   M 
_diffrn_radiation.monochromator                    ? 
_diffrn_radiation.pdbx_diffrn_protocol             ? 
_diffrn_radiation.pdbx_scattering_type             x-ray 
# 
_diffrn_radiation_wavelength.id           1 
_diffrn_radiation_wavelength.wavelength   . 
_diffrn_radiation_wavelength.wt           1.0 
# 
_diffrn_source.diffrn_id                   1 
_diffrn_source.source                      SYNCHROTRON 
_diffrn_source.type                        SSRL 
_diffrn_source.pdbx_synchrotron_site       SSRL 
_diffrn_source.pdbx_synchrotron_beamline   ? 
_diffrn_source.pdbx_wavelength             ? 
_diffrn_source.pdbx_wavelength_list        ? 
# 
_reflns.entry_id                     205D 
_reflns.observed_criterion_sigma_I   2.600 
_reflns.observed_criterion_sigma_F   ? 
_reflns.d_resolution_low             ? 
_reflns.d_resolution_high            2.640 
_reflns.number_obs                   2415 
_reflns.number_all                   ? 
_reflns.percent_possible_obs         90.100 
_reflns.pdbx_Rmerge_I_obs            0.108 
_reflns.pdbx_Rsym_value              ? 
_reflns.pdbx_netI_over_sigmaI        ? 
_reflns.B_iso_Wilson_estimate        ? 
_reflns.pdbx_redundancy              ? 
_reflns.pdbx_diffrn_id               1 
_reflns.pdbx_ordinal                 1 
# 
_refine.entry_id                                 205D 
_refine.ls_number_reflns_obs                     2233 
_refine.ls_number_reflns_all                     ? 
_refine.pdbx_ls_sigma_I                          ? 
_refine.pdbx_ls_sigma_F                          2.000 
_refine.pdbx_data_cutoff_high_absF               ? 
_refine.pdbx_data_cutoff_low_absF                ? 
_refine.pdbx_data_cutoff_high_rms_absF           ? 
_refine.ls_d_res_low                             8.000 
_refine.ls_d_res_high                            2.640 
_refine.ls_percent_reflns_obs                    ? 
_refine.ls_R_factor_obs                          0.197 
_refine.ls_R_factor_all                          ? 
_refine.ls_R_factor_R_work                       0.197 
_refine.ls_R_factor_R_free                       ? 
_refine.ls_R_factor_R_free_error                 ? 
_refine.ls_R_factor_R_free_error_details         ? 
_refine.ls_percent_reflns_R_free                 ? 
_refine.ls_number_reflns_R_free                  ? 
_refine.ls_number_parameters                     ? 
_refine.ls_number_restraints                     ? 
_refine.occupancy_min                            ? 
_refine.occupancy_max                            ? 
_refine.B_iso_mean                               ? 
_refine.aniso_B[1][1]                            ? 
_refine.aniso_B[2][2]                            ? 
_refine.aniso_B[3][3]                            ? 
_refine.aniso_B[1][2]                            ? 
_refine.aniso_B[1][3]                            ? 
_refine.aniso_B[2][3]                            ? 
_refine.solvent_model_details                    ? 
_refine.solvent_model_param_ksol                 ? 
_refine.solvent_model_param_bsol                 ? 
_refine.pdbx_ls_cross_valid_method               ? 
_refine.details                                  ? 
_refine.pdbx_starting_model                      ? 
_refine.pdbx_method_to_determine_struct          ? 
_refine.pdbx_isotropic_thermal_model             ? 
_refine.pdbx_stereochemistry_target_values       ? 
_refine.pdbx_stereochem_target_val_spec_case     ? 
_refine.pdbx_R_Free_selection_details            ? 
_refine.pdbx_overall_ESU_R                       ? 
_refine.pdbx_overall_ESU_R_Free                  ? 
_refine.overall_SU_ML                            ? 
_refine.overall_SU_B                             ? 
_refine.pdbx_refine_id                           'X-RAY DIFFRACTION' 
_refine.pdbx_diffrn_id                           1 
_refine.pdbx_TLS_residual_ADP_flag               ? 
_refine.correlation_coeff_Fo_to_Fc               ? 
_refine.correlation_coeff_Fo_to_Fc_free          ? 
_refine.pdbx_solvent_vdw_probe_radii             ? 
_refine.pdbx_solvent_ion_probe_radii             ? 
_refine.pdbx_solvent_shrinkage_radii             ? 
_refine.pdbx_overall_phase_error                 ? 
_refine.overall_SU_R_Cruickshank_DPI             ? 
_refine.pdbx_overall_SU_R_free_Cruickshank_DPI   ? 
_refine.pdbx_overall_SU_R_Blow_DPI               ? 
_refine.pdbx_overall_SU_R_free_Blow_DPI          ? 
# 
_refine_hist.pdbx_refine_id                   'X-RAY DIFFRACTION' 
_refine_hist.cycle_id                         LAST 
_refine_hist.pdbx_number_atoms_protein        0 
_refine_hist.pdbx_number_atoms_nucleic_acid   502 
_refine_hist.pdbx_number_atoms_ligand         0 
_refine_hist.number_atoms_solvent             39 
_refine_hist.number_atoms_total               541 
_refine_hist.d_res_high                       2.640 
_refine_hist.d_res_low                        8.000 
# 
loop_
_refine_ls_restr.type 
_refine_ls_restr.dev_ideal 
_refine_ls_restr.dev_ideal_target 
_refine_ls_restr.weight 
_refine_ls_restr.number 
_refine_ls_restr.pdbx_refine_id 
_refine_ls_restr.pdbx_restraint_function 
x_bond_d                0.028 ? ? ? 'X-RAY DIFFRACTION' ? 
x_bond_d_na             ?     ? ? ? 'X-RAY DIFFRACTION' ? 
x_bond_d_prot           ?     ? ? ? 'X-RAY DIFFRACTION' ? 
x_angle_d               ?     ? ? ? 'X-RAY DIFFRACTION' ? 
x_angle_d_na            ?     ? ? ? 'X-RAY DIFFRACTION' ? 
x_angle_d_prot          ?     ? ? ? 'X-RAY DIFFRACTION' ? 
x_angle_deg             3.60  ? ? ? 'X-RAY DIFFRACTION' ? 
x_angle_deg_na          ?     ? ? ? 'X-RAY DIFFRACTION' ? 
x_angle_deg_prot        ?     ? ? ? 'X-RAY DIFFRACTION' ? 
x_dihedral_angle_d      ?     ? ? ? 'X-RAY DIFFRACTION' ? 
x_dihedral_angle_d_na   ?     ? ? ? 'X-RAY DIFFRACTION' ? 
x_dihedral_angle_d_prot ?     ? ? ? 'X-RAY DIFFRACTION' ? 
x_improper_angle_d      ?     ? ? ? 'X-RAY DIFFRACTION' ? 
x_improper_angle_d_na   ?     ? ? ? 'X-RAY DIFFRACTION' ? 
x_improper_angle_d_prot ?     ? ? ? 'X-RAY DIFFRACTION' ? 
x_mcbond_it             ?     ? ? ? 'X-RAY DIFFRACTION' ? 
x_mcangle_it            ?     ? ? ? 'X-RAY DIFFRACTION' ? 
x_scbond_it             ?     ? ? ? 'X-RAY DIFFRACTION' ? 
x_scangle_it            ?     ? ? ? 'X-RAY DIFFRACTION' ? 
# 
_struct.entry_id                  205D 
_struct.title                     'STRUCTURE OF AN RNA DOUBLE HELIX INCLUDING URACIL-URACIL BASE PAIRS IN AN INTERNAL LOOP' 
_struct.pdbx_model_details        ? 
_struct.pdbx_CASP_flag            ? 
_struct.pdbx_model_type_details   ? 
# 
_struct_keywords.entry_id        205D 
_struct_keywords.pdbx_keywords   RNA 
_struct_keywords.text            'A-RNA, DOUBLE HELIX, INTERNAL LOOP, MISMATCHED, RNA' 
# 
loop_
_struct_asym.id 
_struct_asym.pdbx_blank_PDB_chainid_flag 
_struct_asym.pdbx_modified 
_struct_asym.entity_id 
_struct_asym.details 
A N N 1 ? 
B N N 1 ? 
C N N 2 ? 
D N N 2 ? 
# 
_struct_ref.id                         1 
_struct_ref.entity_id                  1 
_struct_ref.db_name                    PDB 
_struct_ref.db_code                    205D 
_struct_ref.pdbx_db_accession          205D 
_struct_ref.pdbx_db_isoform            ? 
_struct_ref.pdbx_seq_one_letter_code   ? 
_struct_ref.pdbx_align_begin           ? 
# 
loop_
_struct_ref_seq.align_id 
_struct_ref_seq.ref_id 
_struct_ref_seq.pdbx_PDB_id_code 
_struct_ref_seq.pdbx_strand_id 
_struct_ref_seq.seq_align_beg 
_struct_ref_seq.pdbx_seq_align_beg_ins_code 
_struct_ref_seq.seq_align_end 
_struct_ref_seq.pdbx_seq_align_end_ins_code 
_struct_ref_seq.pdbx_db_accession 
_struct_ref_seq.db_align_beg 
_struct_ref_seq.pdbx_db_align_beg_ins_code 
_struct_ref_seq.db_align_end 
_struct_ref_seq.pdbx_db_align_end_ins_code 
_struct_ref_seq.pdbx_auth_seq_align_beg 
_struct_ref_seq.pdbx_auth_seq_align_end 
1 1 205D A 1 ? 12 ? 205D 1  ? 12 ? 1  12 
2 1 205D B 1 ? 12 ? 205D 13 ? 24 ? 13 24 
# 
_pdbx_struct_assembly.id                   1 
_pdbx_struct_assembly.details              author_defined_assembly 
_pdbx_struct_assembly.method_details       ? 
_pdbx_struct_assembly.oligomeric_details   dimeric 
_pdbx_struct_assembly.oligomeric_count     2 
# 
_pdbx_struct_assembly_gen.assembly_id       1 
_pdbx_struct_assembly_gen.oper_expression   1 
_pdbx_struct_assembly_gen.asym_id_list      A,B,C,D 
# 
_pdbx_struct_oper_list.id                   1 
_pdbx_struct_oper_list.type                 'identity operation' 
_pdbx_struct_oper_list.name                 1_555 
_pdbx_struct_oper_list.symmetry_operation   x,y,z 
_pdbx_struct_oper_list.matrix[1][1]         1.0000000000 
_pdbx_struct_oper_list.matrix[1][2]         0.0000000000 
_pdbx_struct_oper_list.matrix[1][3]         0.0000000000 
_pdbx_struct_oper_list.vector[1]            0.0000000000 
_pdbx_struct_oper_list.matrix[2][1]         0.0000000000 
_pdbx_struct_oper_list.matrix[2][2]         1.0000000000 
_pdbx_struct_oper_list.matrix[2][3]         0.0000000000 
_pdbx_struct_oper_list.vector[2]            0.0000000000 
_pdbx_struct_oper_list.matrix[3][1]         0.0000000000 
_pdbx_struct_oper_list.matrix[3][2]         0.0000000000 
_pdbx_struct_oper_list.matrix[3][3]         1.0000000000 
_pdbx_struct_oper_list.vector[3]            0.0000000000 
# 
_struct_biol.id   1 
# 
loop_
_struct_conn.id 
_struct_conn.conn_type_id 
_struct_conn.pdbx_leaving_atom_flag 
_struct_conn.pdbx_PDB_id 
_struct_conn.ptnr1_label_asym_id 
_struct_conn.ptnr1_label_comp_id 
_struct_conn.ptnr1_label_seq_id 
_struct_conn.ptnr1_label_atom_id 
_struct_conn.pdbx_ptnr1_label_alt_id 
_struct_conn.pdbx_ptnr1_PDB_ins_code 
_struct_conn.pdbx_ptnr1_standard_comp_id 
_struct_conn.ptnr1_symmetry 
_struct_conn.ptnr2_label_asym_id 
_struct_conn.ptnr2_label_comp_id 
_struct_conn.ptnr2_label_seq_id 
_struct_conn.ptnr2_label_atom_id 
_struct_conn.pdbx_ptnr2_label_alt_id 
_struct_conn.pdbx_ptnr2_PDB_ins_code 
_struct_conn.ptnr1_auth_asym_id 
_struct_conn.ptnr1_auth_comp_id 
_struct_conn.ptnr1_auth_seq_id 
_struct_conn.ptnr2_auth_asym_id 
_struct_conn.ptnr2_auth_comp_id 
_struct_conn.ptnr2_auth_seq_id 
_struct_conn.ptnr2_symmetry 
_struct_conn.pdbx_ptnr3_label_atom_id 
_struct_conn.pdbx_ptnr3_label_seq_id 
_struct_conn.pdbx_ptnr3_label_comp_id 
_struct_conn.pdbx_ptnr3_label_asym_id 
_struct_conn.pdbx_ptnr3_label_alt_id 
_struct_conn.pdbx_ptnr3_PDB_ins_code 
_struct_conn.details 
_struct_conn.pdbx_dist_value 
_struct_conn.pdbx_value_order 
_struct_conn.pdbx_role 
hydrog1  hydrog ? ? A G 1  N1 ? ? ? 1_555 B C 12 N3 ? ? A G 1  B C 24 1_555 ? ? ? ? ? ? WATSON-CRICK ? ? ? 
hydrog2  hydrog ? ? A G 1  N2 ? ? ? 1_555 B C 12 O2 ? ? A G 1  B C 24 1_555 ? ? ? ? ? ? WATSON-CRICK ? ? ? 
hydrog3  hydrog ? ? A G 1  O6 ? ? ? 1_555 B C 12 N4 ? ? A G 1  B C 24 1_555 ? ? ? ? ? ? WATSON-CRICK ? ? ? 
hydrog4  hydrog ? ? A G 2  N1 ? ? ? 1_555 B C 11 N3 ? ? A G 2  B C 23 1_555 ? ? ? ? ? ? WATSON-CRICK ? ? ? 
hydrog5  hydrog ? ? A G 2  N2 ? ? ? 1_555 B C 11 O2 ? ? A G 2  B C 23 1_555 ? ? ? ? ? ? WATSON-CRICK ? ? ? 
hydrog6  hydrog ? ? A G 2  O6 ? ? ? 1_555 B C 11 N4 ? ? A G 2  B C 23 1_555 ? ? ? ? ? ? WATSON-CRICK ? ? ? 
hydrog7  hydrog ? ? A A 3  N1 ? ? ? 1_555 B U 10 N3 ? ? A A 3  B U 22 1_555 ? ? ? ? ? ? WATSON-CRICK ? ? ? 
hydrog8  hydrog ? ? A A 3  N6 ? ? ? 1_555 B U 10 O4 ? ? A A 3  B U 22 1_555 ? ? ? ? ? ? WATSON-CRICK ? ? ? 
hydrog9  hydrog ? ? A C 4  N3 ? ? ? 1_555 B G 9  N1 ? ? A C 4  B G 21 1_555 ? ? ? ? ? ? WATSON-CRICK ? ? ? 
hydrog10 hydrog ? ? A C 4  N4 ? ? ? 1_555 B G 9  O6 ? ? A C 4  B G 21 1_555 ? ? ? ? ? ? WATSON-CRICK ? ? ? 
hydrog11 hydrog ? ? A C 4  O2 ? ? ? 1_555 B G 9  N2 ? ? A C 4  B G 21 1_555 ? ? ? ? ? ? WATSON-CRICK ? ? ? 
hydrog12 hydrog ? ? A U 5  N3 ? ? ? 1_555 B G 8  O6 ? ? A U 5  B G 20 1_555 ? ? ? ? ? ? TYPE_28_PAIR ? ? ? 
hydrog13 hydrog ? ? A U 5  O2 ? ? ? 1_555 B G 8  N1 ? ? A U 5  B G 20 1_555 ? ? ? ? ? ? TYPE_28_PAIR ? ? ? 
hydrog14 hydrog ? ? A U 6  N3 ? ? ? 1_555 B U 7  O4 ? ? A U 6  B U 19 1_555 ? ? ? ? ? ? TYPE_16_PAIR ? ? ? 
hydrog15 hydrog ? ? A U 6  O2 ? ? ? 1_555 B U 7  N3 ? ? A U 6  B U 19 1_555 ? ? ? ? ? ? TYPE_16_PAIR ? ? ? 
hydrog16 hydrog ? ? A U 6  N3 ? ? ? 1_555 B G 8  O6 ? ? A U 6  B G 20 1_555 ? ? ? ? ? ? TYPE_28_PAIR ? ? ? 
hydrog17 hydrog ? ? A U 6  O2 ? ? ? 1_555 B G 8  N1 ? ? A U 6  B G 20 1_555 ? ? ? ? ? ? TYPE_28_PAIR ? ? ? 
hydrog18 hydrog ? ? A U 7  N3 ? ? ? 1_555 B U 6  O2 ? ? A U 7  B U 18 1_555 ? ? ? ? ? ? TYPE_16_PAIR ? ? ? 
hydrog19 hydrog ? ? A U 7  O4 ? ? ? 1_555 B U 6  N3 ? ? A U 7  B U 18 1_555 ? ? ? ? ? ? TYPE_16_PAIR ? ? ? 
hydrog20 hydrog ? ? A G 8  N1 ? ? ? 1_555 B U 5  O2 ? ? A G 8  B U 17 1_555 ? ? ? ? ? ? TYPE_28_PAIR ? ? ? 
hydrog21 hydrog ? ? A G 8  O6 ? ? ? 1_555 B U 5  N3 ? ? A G 8  B U 17 1_555 ? ? ? ? ? ? TYPE_28_PAIR ? ? ? 
hydrog22 hydrog ? ? A G 9  N1 ? ? ? 1_555 B C 4  N3 ? ? A G 9  B C 16 1_555 ? ? ? ? ? ? WATSON-CRICK ? ? ? 
hydrog23 hydrog ? ? A G 9  N2 ? ? ? 1_555 B C 4  O2 ? ? A G 9  B C 16 1_555 ? ? ? ? ? ? WATSON-CRICK ? ? ? 
hydrog24 hydrog ? ? A G 9  O6 ? ? ? 1_555 B C 4  N4 ? ? A G 9  B C 16 1_555 ? ? ? ? ? ? WATSON-CRICK ? ? ? 
hydrog25 hydrog ? ? A G 9  N1 ? ? ? 1_555 B U 5  O2 ? ? A G 9  B U 17 1_555 ? ? ? ? ? ? TYPE_28_PAIR ? ? ? 
hydrog26 hydrog ? ? A G 9  O6 ? ? ? 1_555 B U 5  N3 ? ? A G 9  B U 17 1_555 ? ? ? ? ? ? TYPE_28_PAIR ? ? ? 
hydrog27 hydrog ? ? A U 10 N3 ? ? ? 1_555 B A 3  N1 ? ? A U 10 B A 15 1_555 ? ? ? ? ? ? WATSON-CRICK ? ? ? 
hydrog28 hydrog ? ? A U 10 O4 ? ? ? 1_555 B A 3  N6 ? ? A U 10 B A 15 1_555 ? ? ? ? ? ? WATSON-CRICK ? ? ? 
hydrog29 hydrog ? ? A C 11 N3 ? ? ? 1_555 B G 2  N1 ? ? A C 11 B G 14 1_555 ? ? ? ? ? ? WATSON-CRICK ? ? ? 
hydrog30 hydrog ? ? A C 11 N4 ? ? ? 1_555 B G 2  O6 ? ? A C 11 B G 14 1_555 ? ? ? ? ? ? WATSON-CRICK ? ? ? 
hydrog31 hydrog ? ? A C 11 O2 ? ? ? 1_555 B G 2  N2 ? ? A C 11 B G 14 1_555 ? ? ? ? ? ? WATSON-CRICK ? ? ? 
hydrog32 hydrog ? ? A C 12 N4 ? ? ? 1_555 B G 1  O6 ? ? A C 12 B G 13 1_555 ? ? ? ? ? ? 'C-G PAIR'   ? ? ? 
# 
_struct_conn_type.id          hydrog 
_struct_conn_type.criteria    ? 
_struct_conn_type.reference   ? 
# 
loop_
_pdbx_validate_close_contact.id 
_pdbx_validate_close_contact.PDB_model_num 
_pdbx_validate_close_contact.auth_atom_id_1 
_pdbx_validate_close_contact.auth_asym_id_1 
_pdbx_validate_close_contact.auth_comp_id_1 
_pdbx_validate_close_contact.auth_seq_id_1 
_pdbx_validate_close_contact.PDB_ins_code_1 
_pdbx_validate_close_contact.label_alt_id_1 
_pdbx_validate_close_contact.auth_atom_id_2 
_pdbx_validate_close_contact.auth_asym_id_2 
_pdbx_validate_close_contact.auth_comp_id_2 
_pdbx_validate_close_contact.auth_seq_id_2 
_pdbx_validate_close_contact.PDB_ins_code_2 
_pdbx_validate_close_contact.label_alt_id_2 
_pdbx_validate_close_contact.dist 
1 1 "O3'" A G 8  ? ? O A HOH 31 ? ? 1.54 
2 1 OP2   B C 24 ? ? O B HOH 28 ? ? 2.14 
3 1 "O3'" B C 24 ? ? O B HOH 46 ? ? 2.18 
# 
loop_
_pdbx_validate_symm_contact.id 
_pdbx_validate_symm_contact.PDB_model_num 
_pdbx_validate_symm_contact.auth_atom_id_1 
_pdbx_validate_symm_contact.auth_asym_id_1 
_pdbx_validate_symm_contact.auth_comp_id_1 
_pdbx_validate_symm_contact.auth_seq_id_1 
_pdbx_validate_symm_contact.PDB_ins_code_1 
_pdbx_validate_symm_contact.label_alt_id_1 
_pdbx_validate_symm_contact.site_symmetry_1 
_pdbx_validate_symm_contact.auth_atom_id_2 
_pdbx_validate_symm_contact.auth_asym_id_2 
_pdbx_validate_symm_contact.auth_comp_id_2 
_pdbx_validate_symm_contact.auth_seq_id_2 
_pdbx_validate_symm_contact.PDB_ins_code_2 
_pdbx_validate_symm_contact.label_alt_id_2 
_pdbx_validate_symm_contact.site_symmetry_2 
_pdbx_validate_symm_contact.dist 
1 1 "C5'" A C 11 ? ? 1_555 O A HOH 49 ? ? 4_554 1.78 
2 1 "C4'" A C 11 ? ? 1_555 O A HOH 49 ? ? 4_554 1.83 
3 1 "O4'" A C 11 ? ? 1_555 O A HOH 49 ? ? 4_554 1.99 
# 
loop_
_pdbx_validate_rmsd_bond.id 
_pdbx_validate_rmsd_bond.PDB_model_num 
_pdbx_validate_rmsd_bond.auth_atom_id_1 
_pdbx_validate_rmsd_bond.auth_asym_id_1 
_pdbx_validate_rmsd_bond.auth_comp_id_1 
_pdbx_validate_rmsd_bond.auth_seq_id_1 
_pdbx_validate_rmsd_bond.PDB_ins_code_1 
_pdbx_validate_rmsd_bond.label_alt_id_1 
_pdbx_validate_rmsd_bond.auth_atom_id_2 
_pdbx_validate_rmsd_bond.auth_asym_id_2 
_pdbx_validate_rmsd_bond.auth_comp_id_2 
_pdbx_validate_rmsd_bond.auth_seq_id_2 
_pdbx_validate_rmsd_bond.PDB_ins_code_2 
_pdbx_validate_rmsd_bond.label_alt_id_2 
_pdbx_validate_rmsd_bond.bond_value 
_pdbx_validate_rmsd_bond.bond_target_value 
_pdbx_validate_rmsd_bond.bond_deviation 
_pdbx_validate_rmsd_bond.bond_standard_deviation 
_pdbx_validate_rmsd_bond.linker_flag 
1  1 C6    A G 1  ? ? N1    A G 1  ? ? 1.341 1.391 -0.050 0.007 N 
2  1 "C4'" A G 2  ? ? "C3'" A G 2  ? ? 1.419 1.521 -0.102 0.010 N 
3  1 "C2'" A G 2  ? ? "C1'" A G 2  ? ? 1.442 1.526 -0.084 0.008 N 
4  1 "C2'" A C 4  ? ? "C1'" A C 4  ? ? 1.474 1.526 -0.052 0.008 N 
5  1 "C5'" A U 5  ? ? "C4'" A U 5  ? ? 1.462 1.508 -0.046 0.007 N 
6  1 N1    A U 5  ? ? C2    A U 5  ? ? 1.443 1.381 0.062  0.009 N 
7  1 P     A U 6  ? ? "O5'" A U 6  ? ? 1.702 1.593 0.109  0.010 N 
8  1 "C5'" A U 6  ? ? "C4'" A U 6  ? ? 1.386 1.508 -0.122 0.007 N 
9  1 P     A U 7  ? ? "O5'" A U 7  ? ? 1.692 1.593 0.099  0.010 N 
10 1 "C4'" A C 11 ? ? "C3'" A C 11 ? ? 1.435 1.521 -0.086 0.010 N 
11 1 N3    A C 11 ? ? C4    A C 11 ? ? 1.293 1.335 -0.042 0.007 N 
12 1 "C2'" A C 12 ? ? "C1'" A C 12 ? ? 1.474 1.526 -0.052 0.008 N 
13 1 "C2'" B A 15 ? ? "C1'" B A 15 ? ? 1.472 1.526 -0.054 0.008 N 
14 1 C4    B A 15 ? ? C5    B A 15 ? ? 1.328 1.383 -0.055 0.007 N 
15 1 "C5'" B C 16 ? ? "C4'" B C 16 ? ? 1.459 1.508 -0.049 0.007 N 
16 1 "C2'" B C 16 ? ? "C1'" B C 16 ? ? 1.632 1.529 0.103  0.011 N 
17 1 "O5'" B U 17 ? ? "C5'" B U 17 ? ? 1.364 1.420 -0.056 0.009 N 
18 1 "C3'" B U 17 ? ? "C2'" B U 17 ? ? 1.367 1.523 -0.156 0.011 N 
19 1 "O4'" B U 17 ? ? "C4'" B U 17 ? ? 1.371 1.451 -0.080 0.013 N 
20 1 C4    B U 17 ? ? O4    B U 17 ? ? 1.173 1.232 -0.059 0.008 N 
21 1 "O3'" B U 17 ? ? P     B U 18 ? ? 1.524 1.607 -0.083 0.012 Y 
22 1 "C2'" B U 18 ? ? "C1'" B U 18 ? ? 1.471 1.526 -0.055 0.008 N 
23 1 P     B U 19 ? ? "O5'" B U 19 ? ? 1.666 1.593 0.073  0.010 N 
24 1 "C3'" B G 21 ? ? "C2'" B G 21 ? ? 1.434 1.523 -0.089 0.011 N 
25 1 "C2'" B G 21 ? ? "C1'" B G 21 ? ? 1.461 1.526 -0.065 0.008 N 
26 1 N1    B G 21 ? ? C2    B G 21 ? ? 1.322 1.373 -0.051 0.008 N 
27 1 C6    B G 21 ? ? N1    B G 21 ? ? 1.331 1.391 -0.060 0.007 N 
28 1 "C5'" B U 22 ? ? "C4'" B U 22 ? ? 1.435 1.508 -0.073 0.007 N 
29 1 "C4'" B U 22 ? ? "C3'" B U 22 ? ? 1.438 1.521 -0.083 0.010 N 
30 1 "C4'" B C 23 ? ? "C3'" B C 23 ? ? 1.457 1.521 -0.064 0.010 N 
# 
loop_
_pdbx_validate_rmsd_angle.id 
_pdbx_validate_rmsd_angle.PDB_model_num 
_pdbx_validate_rmsd_angle.auth_atom_id_1 
_pdbx_validate_rmsd_angle.auth_asym_id_1 
_pdbx_validate_rmsd_angle.auth_comp_id_1 
_pdbx_validate_rmsd_angle.auth_seq_id_1 
_pdbx_validate_rmsd_angle.PDB_ins_code_1 
_pdbx_validate_rmsd_angle.label_alt_id_1 
_pdbx_validate_rmsd_angle.auth_atom_id_2 
_pdbx_validate_rmsd_angle.auth_asym_id_2 
_pdbx_validate_rmsd_angle.auth_comp_id_2 
_pdbx_validate_rmsd_angle.auth_seq_id_2 
_pdbx_validate_rmsd_angle.PDB_ins_code_2 
_pdbx_validate_rmsd_angle.label_alt_id_2 
_pdbx_validate_rmsd_angle.auth_atom_id_3 
_pdbx_validate_rmsd_angle.auth_asym_id_3 
_pdbx_validate_rmsd_angle.auth_comp_id_3 
_pdbx_validate_rmsd_angle.auth_seq_id_3 
_pdbx_validate_rmsd_angle.PDB_ins_code_3 
_pdbx_validate_rmsd_angle.label_alt_id_3 
_pdbx_validate_rmsd_angle.angle_value 
_pdbx_validate_rmsd_angle.angle_target_value 
_pdbx_validate_rmsd_angle.angle_deviation 
_pdbx_validate_rmsd_angle.angle_standard_deviation 
_pdbx_validate_rmsd_angle.linker_flag 
1  1 "C5'" A G 2  ? ? "C4'" A G 2  ? ? "C3'" A G 2  ? ? 106.46 115.20 -8.74  1.40 N 
2  1 "O3'" A G 2  ? ? P     A A 3  ? ? OP2   A A 3  ? ? 131.70 110.50 21.20  1.10 Y 
3  1 "O3'" A G 2  ? ? P     A A 3  ? ? OP1   A A 3  ? ? 62.15  105.20 -43.05 2.20 Y 
4  1 "C5'" A C 4  ? ? "C4'" A C 4  ? ? "O4'" A C 4  ? ? 115.96 109.80 6.16   0.90 N 
5  1 "O4'" A C 4  ? ? "C1'" A C 4  ? ? N1    A C 4  ? ? 112.90 108.50 4.40   0.70 N 
6  1 "O3'" A C 4  ? ? P     A U 5  ? ? OP2   A U 5  ? ? 41.99  105.20 -63.21 2.20 Y 
7  1 "O3'" A C 4  ? ? P     A U 5  ? ? OP1   A U 5  ? ? 152.28 110.50 41.78  1.10 Y 
8  1 "O4'" A U 5  ? ? "C1'" A U 5  ? ? N1    A U 5  ? ? 113.56 108.50 5.06   0.70 N 
9  1 "O3'" A U 5  ? ? P     A U 6  ? ? OP2   A U 6  ? ? 90.69  105.20 -14.51 2.20 Y 
10 1 "O3'" A U 5  ? ? P     A U 6  ? ? OP1   A U 6  ? ? 134.22 110.50 23.72  1.10 Y 
11 1 "C1'" A U 6  ? ? "O4'" A U 6  ? ? "C4'" A U 6  ? ? 104.23 109.70 -5.47  0.70 N 
12 1 N1    A U 6  ? ? "C1'" A U 6  ? ? "C2'" A U 6  ? ? 103.75 112.00 -8.25  1.10 N 
13 1 "O4'" A U 6  ? ? "C1'" A U 6  ? ? N1    A U 6  ? ? 112.80 108.50 4.30   0.70 N 
14 1 "C3'" A U 6  ? ? "O3'" A U 6  ? ? P     A U 7  ? ? 112.05 119.70 -7.65  1.20 Y 
15 1 "O3'" A U 6  ? ? P     A U 7  ? ? "O5'" A U 7  ? ? 86.15  104.00 -17.85 1.90 Y 
16 1 "O3'" A U 6  ? ? P     A U 7  ? ? OP2   A U 7  ? ? 136.56 110.50 26.06  1.10 Y 
17 1 "O3'" A U 6  ? ? P     A U 7  ? ? OP1   A U 7  ? ? 89.73  105.20 -15.47 2.20 Y 
18 1 "O3'" A U 7  ? ? P     A G 8  ? ? "O5'" A G 8  ? ? 81.19  104.00 -22.81 1.90 Y 
19 1 "O3'" A U 7  ? ? P     A G 8  ? ? OP2   A G 8  ? ? 125.61 110.50 15.11  1.10 Y 
20 1 "O4'" A G 8  ? ? "C1'" A G 8  ? ? N9    A G 8  ? ? 112.86 108.50 4.36   0.70 N 
21 1 "O3'" A G 8  ? ? P     A G 9  ? ? OP2   A G 9  ? ? 119.14 110.50 8.64   1.10 Y 
22 1 "O4'" A G 9  ? ? "C1'" A G 9  ? ? N9    A G 9  ? ? 112.81 108.50 4.31   0.70 N 
23 1 "O3'" A G 9  ? ? P     A U 10 ? ? "O5'" A U 10 ? ? 88.66  104.00 -15.34 1.90 Y 
24 1 "O3'" A U 10 ? ? P     A C 11 ? ? "O5'" A C 11 ? ? 154.79 104.00 50.79  1.90 Y 
25 1 "O3'" A U 10 ? ? P     A C 11 ? ? OP2   A C 11 ? ? 86.46  105.20 -18.74 2.20 Y 
26 1 "O3'" A U 10 ? ? P     A C 11 ? ? OP1   A C 11 ? ? 74.02  105.20 -31.18 2.20 Y 
27 1 "C5'" A C 11 ? ? "C4'" A C 11 ? ? "O4'" A C 11 ? ? 118.11 109.80 8.31   0.90 N 
28 1 "O4'" A C 11 ? ? "C1'" A C 11 ? ? N1    A C 11 ? ? 114.16 108.50 5.66   0.70 N 
29 1 N1    A C 11 ? ? C2    A C 11 ? ? O2    A C 11 ? ? 122.60 118.90 3.70   0.60 N 
30 1 "O3'" A C 11 ? ? P     A C 12 ? ? OP2   A C 12 ? ? 118.96 110.50 8.46   1.10 Y 
31 1 "O3'" A C 11 ? ? P     A C 12 ? ? OP1   A C 12 ? ? 83.18  105.20 -22.02 2.20 Y 
32 1 "O3'" B G 13 ? ? P     B G 14 ? ? "O5'" B G 14 ? ? 84.68  104.00 -19.32 1.90 Y 
33 1 "C5'" B G 14 ? ? "C4'" B G 14 ? ? "C3'" B G 14 ? ? 104.51 115.20 -10.69 1.40 N 
34 1 "O3'" B G 14 ? ? P     B A 15 ? ? "O5'" B A 15 ? ? 90.63  104.00 -13.37 1.90 Y 
35 1 "C5'" B A 15 ? ? "C4'" B A 15 ? ? "C3'" B A 15 ? ? 103.74 115.20 -11.46 1.40 N 
36 1 "O4'" B A 15 ? ? "C1'" B A 15 ? ? N9    B A 15 ? ? 113.69 108.50 5.19   0.70 N 
37 1 "O3'" B A 15 ? ? P     B C 16 ? ? "O5'" B C 16 ? ? 123.94 104.00 19.94  1.90 Y 
38 1 "O3'" B A 15 ? ? P     B C 16 ? ? OP1   B C 16 ? ? 85.46  105.20 -19.74 2.20 Y 
39 1 "C5'" B C 16 ? ? "C4'" B C 16 ? ? "C3'" B C 16 ? ? 103.92 115.20 -11.28 1.40 N 
40 1 N1    B C 16 ? ? "C1'" B C 16 ? ? "C2'" B C 16 ? ? 102.65 112.00 -9.35  1.10 N 
41 1 "O4'" B C 16 ? ? "C1'" B C 16 ? ? N1    B C 16 ? ? 120.35 108.50 11.85  0.70 N 
42 1 "O3'" B C 16 ? ? P     B U 17 ? ? "O5'" B U 17 ? ? 152.68 104.00 48.68  1.90 Y 
43 1 "O3'" B C 16 ? ? P     B U 17 ? ? OP2   B U 17 ? ? 88.59  105.20 -16.61 2.20 Y 
44 1 "O3'" B C 16 ? ? P     B U 17 ? ? OP1   B U 17 ? ? 76.74  105.20 -28.46 2.20 Y 
45 1 "C3'" B U 17 ? ? "C2'" B U 17 ? ? "C1'" B U 17 ? ? 96.59  101.30 -4.71  0.70 N 
46 1 N1    B U 17 ? ? "C1'" B U 17 ? ? "C2'" B U 17 ? ? 105.31 112.00 -6.69  1.10 N 
47 1 "O4'" B U 17 ? ? "C1'" B U 17 ? ? N1    B U 17 ? ? 115.85 108.50 7.35   0.70 N 
48 1 C4    B U 17 ? ? C5    B U 17 ? ? C6    B U 17 ? ? 123.50 119.70 3.80   0.60 N 
49 1 C5    B U 17 ? ? C6    B U 17 ? ? N1    B U 17 ? ? 118.67 122.70 -4.03  0.50 N 
50 1 N3    B U 17 ? ? C2    B U 17 ? ? O2    B U 17 ? ? 115.28 122.20 -6.92  0.70 N 
51 1 "O3'" B U 17 ? ? P     B U 18 ? ? "O5'" B U 18 ? ? 58.84  104.00 -45.16 1.90 Y 
52 1 "O3'" B U 17 ? ? P     B U 18 ? ? OP2   B U 18 ? ? 155.35 110.50 44.85  1.10 Y 
53 1 "O3'" B U 17 ? ? P     B U 18 ? ? OP1   B U 18 ? ? 84.77  105.20 -20.43 2.20 Y 
54 1 "O4'" B U 18 ? ? "C1'" B U 18 ? ? N1    B U 18 ? ? 116.24 108.50 7.74   0.70 N 
55 1 "O3'" B U 18 ? ? P     B U 19 ? ? "O5'" B U 19 ? ? 86.71  104.00 -17.29 1.90 Y 
56 1 "O3'" B U 18 ? ? P     B U 19 ? ? OP2   B U 19 ? ? 156.66 110.50 46.16  1.10 Y 
57 1 "O3'" B U 18 ? ? P     B U 19 ? ? OP1   B U 19 ? ? 62.87  105.20 -42.33 2.20 Y 
58 1 "C4'" B G 20 ? ? "C3'" B G 20 ? ? "C2'" B G 20 ? ? 96.20  102.60 -6.40  1.00 N 
59 1 "O4'" B G 20 ? ? "C1'" B G 20 ? ? N9    B G 20 ? ? 113.18 108.50 4.68   0.70 N 
60 1 "C3'" B G 20 ? ? "O3'" B G 20 ? ? P     B G 21 ? ? 127.18 119.70 7.48   1.20 Y 
61 1 "O3'" B G 20 ? ? P     B G 21 ? ? "O5'" B G 21 ? ? 118.62 104.00 14.62  1.90 Y 
62 1 "O3'" B G 20 ? ? P     B G 21 ? ? OP2   B G 21 ? ? 127.04 110.50 16.54  1.10 Y 
63 1 "O3'" B G 20 ? ? P     B G 21 ? ? OP1   B G 21 ? ? 74.05  105.20 -31.15 2.20 Y 
64 1 "C1'" B G 21 ? ? "O4'" B G 21 ? ? "C4'" B G 21 ? ? 104.89 109.70 -4.81  0.70 N 
65 1 "O3'" B G 21 ? ? P     B U 22 ? ? "O5'" B U 22 ? ? 115.93 104.00 11.93  1.90 Y 
66 1 "O3'" B G 21 ? ? P     B U 22 ? ? OP2   B U 22 ? ? 118.41 110.50 7.91   1.10 Y 
67 1 "O3'" B G 21 ? ? P     B U 22 ? ? OP1   B U 22 ? ? 80.17  105.20 -25.03 2.20 Y 
68 1 "C5'" B U 22 ? ? "C4'" B U 22 ? ? "C3'" B U 22 ? ? 106.21 115.20 -8.99  1.40 N 
69 1 "O4'" B U 22 ? ? "C1'" B U 22 ? ? N1    B U 22 ? ? 112.87 108.50 4.37   0.70 N 
70 1 "O3'" B U 22 ? ? P     B C 23 ? ? "O5'" B C 23 ? ? 148.79 104.00 44.79  1.90 Y 
71 1 "O3'" B U 22 ? ? P     B C 23 ? ? OP1   B C 23 ? ? 73.58  105.20 -31.62 2.20 Y 
72 1 "C5'" B C 23 ? ? "C4'" B C 23 ? ? "O4'" B C 23 ? ? 115.52 109.80 5.72   0.90 N 
73 1 "O4'" B C 23 ? ? "C1'" B C 23 ? ? N1    B C 23 ? ? 113.64 108.50 5.14   0.70 N 
74 1 N1    B C 23 ? ? C2    B C 23 ? ? O2    B C 23 ? ? 123.24 118.90 4.34   0.60 N 
75 1 N1    B C 24 ? ? C2    B C 24 ? ? O2    B C 24 ? ? 123.77 118.90 4.87   0.60 N 
# 
loop_
_chem_comp_atom.comp_id 
_chem_comp_atom.atom_id 
_chem_comp_atom.type_symbol 
_chem_comp_atom.pdbx_aromatic_flag 
_chem_comp_atom.pdbx_stereo_config 
_chem_comp_atom.pdbx_ordinal 
A   OP3    O N N 1   
A   P      P N N 2   
A   OP1    O N N 3   
A   OP2    O N N 4   
A   "O5'"  O N N 5   
A   "C5'"  C N N 6   
A   "C4'"  C N R 7   
A   "O4'"  O N N 8   
A   "C3'"  C N S 9   
A   "O3'"  O N N 10  
A   "C2'"  C N R 11  
A   "O2'"  O N N 12  
A   "C1'"  C N R 13  
A   N9     N Y N 14  
A   C8     C Y N 15  
A   N7     N Y N 16  
A   C5     C Y N 17  
A   C6     C Y N 18  
A   N6     N N N 19  
A   N1     N Y N 20  
A   C2     C Y N 21  
A   N3     N Y N 22  
A   C4     C Y N 23  
A   HOP3   H N N 24  
A   HOP2   H N N 25  
A   "H5'"  H N N 26  
A   "H5''" H N N 27  
A   "H4'"  H N N 28  
A   "H3'"  H N N 29  
A   "HO3'" H N N 30  
A   "H2'"  H N N 31  
A   "HO2'" H N N 32  
A   "H1'"  H N N 33  
A   H8     H N N 34  
A   H61    H N N 35  
A   H62    H N N 36  
A   H2     H N N 37  
C   OP3    O N N 38  
C   P      P N N 39  
C   OP1    O N N 40  
C   OP2    O N N 41  
C   "O5'"  O N N 42  
C   "C5'"  C N N 43  
C   "C4'"  C N R 44  
C   "O4'"  O N N 45  
C   "C3'"  C N S 46  
C   "O3'"  O N N 47  
C   "C2'"  C N R 48  
C   "O2'"  O N N 49  
C   "C1'"  C N R 50  
C   N1     N N N 51  
C   C2     C N N 52  
C   O2     O N N 53  
C   N3     N N N 54  
C   C4     C N N 55  
C   N4     N N N 56  
C   C5     C N N 57  
C   C6     C N N 58  
C   HOP3   H N N 59  
C   HOP2   H N N 60  
C   "H5'"  H N N 61  
C   "H5''" H N N 62  
C   "H4'"  H N N 63  
C   "H3'"  H N N 64  
C   "HO3'" H N N 65  
C   "H2'"  H N N 66  
C   "HO2'" H N N 67  
C   "H1'"  H N N 68  
C   H41    H N N 69  
C   H42    H N N 70  
C   H5     H N N 71  
C   H6     H N N 72  
G   OP3    O N N 73  
G   P      P N N 74  
G   OP1    O N N 75  
G   OP2    O N N 76  
G   "O5'"  O N N 77  
G   "C5'"  C N N 78  
G   "C4'"  C N R 79  
G   "O4'"  O N N 80  
G   "C3'"  C N S 81  
G   "O3'"  O N N 82  
G   "C2'"  C N R 83  
G   "O2'"  O N N 84  
G   "C1'"  C N R 85  
G   N9     N Y N 86  
G   C8     C Y N 87  
G   N7     N Y N 88  
G   C5     C Y N 89  
G   C6     C N N 90  
G   O6     O N N 91  
G   N1     N N N 92  
G   C2     C N N 93  
G   N2     N N N 94  
G   N3     N N N 95  
G   C4     C Y N 96  
G   HOP3   H N N 97  
G   HOP2   H N N 98  
G   "H5'"  H N N 99  
G   "H5''" H N N 100 
G   "H4'"  H N N 101 
G   "H3'"  H N N 102 
G   "HO3'" H N N 103 
G   "H2'"  H N N 104 
G   "HO2'" H N N 105 
G   "H1'"  H N N 106 
G   H8     H N N 107 
G   H1     H N N 108 
G   H21    H N N 109 
G   H22    H N N 110 
HOH O      O N N 111 
HOH H1     H N N 112 
HOH H2     H N N 113 
U   OP3    O N N 114 
U   P      P N N 115 
U   OP1    O N N 116 
U   OP2    O N N 117 
U   "O5'"  O N N 118 
U   "C5'"  C N N 119 
U   "C4'"  C N R 120 
U   "O4'"  O N N 121 
U   "C3'"  C N S 122 
U   "O3'"  O N N 123 
U   "C2'"  C N R 124 
U   "O2'"  O N N 125 
U   "C1'"  C N R 126 
U   N1     N N N 127 
U   C2     C N N 128 
U   O2     O N N 129 
U   N3     N N N 130 
U   C4     C N N 131 
U   O4     O N N 132 
U   C5     C N N 133 
U   C6     C N N 134 
U   HOP3   H N N 135 
U   HOP2   H N N 136 
U   "H5'"  H N N 137 
U   "H5''" H N N 138 
U   "H4'"  H N N 139 
U   "H3'"  H N N 140 
U   "HO3'" H N N 141 
U   "H2'"  H N N 142 
U   "HO2'" H N N 143 
U   "H1'"  H N N 144 
U   H3     H N N 145 
U   H5     H N N 146 
U   H6     H N N 147 
# 
loop_
_chem_comp_bond.comp_id 
_chem_comp_bond.atom_id_1 
_chem_comp_bond.atom_id_2 
_chem_comp_bond.value_order 
_chem_comp_bond.pdbx_aromatic_flag 
_chem_comp_bond.pdbx_stereo_config 
_chem_comp_bond.pdbx_ordinal 
A   OP3   P      sing N N 1   
A   OP3   HOP3   sing N N 2   
A   P     OP1    doub N N 3   
A   P     OP2    sing N N 4   
A   P     "O5'"  sing N N 5   
A   OP2   HOP2   sing N N 6   
A   "O5'" "C5'"  sing N N 7   
A   "C5'" "C4'"  sing N N 8   
A   "C5'" "H5'"  sing N N 9   
A   "C5'" "H5''" sing N N 10  
A   "C4'" "O4'"  sing N N 11  
A   "C4'" "C3'"  sing N N 12  
A   "C4'" "H4'"  sing N N 13  
A   "O4'" "C1'"  sing N N 14  
A   "C3'" "O3'"  sing N N 15  
A   "C3'" "C2'"  sing N N 16  
A   "C3'" "H3'"  sing N N 17  
A   "O3'" "HO3'" sing N N 18  
A   "C2'" "O2'"  sing N N 19  
A   "C2'" "C1'"  sing N N 20  
A   "C2'" "H2'"  sing N N 21  
A   "O2'" "HO2'" sing N N 22  
A   "C1'" N9     sing N N 23  
A   "C1'" "H1'"  sing N N 24  
A   N9    C8     sing Y N 25  
A   N9    C4     sing Y N 26  
A   C8    N7     doub Y N 27  
A   C8    H8     sing N N 28  
A   N7    C5     sing Y N 29  
A   C5    C6     sing Y N 30  
A   C5    C4     doub Y N 31  
A   C6    N6     sing N N 32  
A   C6    N1     doub Y N 33  
A   N6    H61    sing N N 34  
A   N6    H62    sing N N 35  
A   N1    C2     sing Y N 36  
A   C2    N3     doub Y N 37  
A   C2    H2     sing N N 38  
A   N3    C4     sing Y N 39  
C   OP3   P      sing N N 40  
C   OP3   HOP3   sing N N 41  
C   P     OP1    doub N N 42  
C   P     OP2    sing N N 43  
C   P     "O5'"  sing N N 44  
C   OP2   HOP2   sing N N 45  
C   "O5'" "C5'"  sing N N 46  
C   "C5'" "C4'"  sing N N 47  
C   "C5'" "H5'"  sing N N 48  
C   "C5'" "H5''" sing N N 49  
C   "C4'" "O4'"  sing N N 50  
C   "C4'" "C3'"  sing N N 51  
C   "C4'" "H4'"  sing N N 52  
C   "O4'" "C1'"  sing N N 53  
C   "C3'" "O3'"  sing N N 54  
C   "C3'" "C2'"  sing N N 55  
C   "C3'" "H3'"  sing N N 56  
C   "O3'" "HO3'" sing N N 57  
C   "C2'" "O2'"  sing N N 58  
C   "C2'" "C1'"  sing N N 59  
C   "C2'" "H2'"  sing N N 60  
C   "O2'" "HO2'" sing N N 61  
C   "C1'" N1     sing N N 62  
C   "C1'" "H1'"  sing N N 63  
C   N1    C2     sing N N 64  
C   N1    C6     sing N N 65  
C   C2    O2     doub N N 66  
C   C2    N3     sing N N 67  
C   N3    C4     doub N N 68  
C   C4    N4     sing N N 69  
C   C4    C5     sing N N 70  
C   N4    H41    sing N N 71  
C   N4    H42    sing N N 72  
C   C5    C6     doub N N 73  
C   C5    H5     sing N N 74  
C   C6    H6     sing N N 75  
G   OP3   P      sing N N 76  
G   OP3   HOP3   sing N N 77  
G   P     OP1    doub N N 78  
G   P     OP2    sing N N 79  
G   P     "O5'"  sing N N 80  
G   OP2   HOP2   sing N N 81  
G   "O5'" "C5'"  sing N N 82  
G   "C5'" "C4'"  sing N N 83  
G   "C5'" "H5'"  sing N N 84  
G   "C5'" "H5''" sing N N 85  
G   "C4'" "O4'"  sing N N 86  
G   "C4'" "C3'"  sing N N 87  
G   "C4'" "H4'"  sing N N 88  
G   "O4'" "C1'"  sing N N 89  
G   "C3'" "O3'"  sing N N 90  
G   "C3'" "C2'"  sing N N 91  
G   "C3'" "H3'"  sing N N 92  
G   "O3'" "HO3'" sing N N 93  
G   "C2'" "O2'"  sing N N 94  
G   "C2'" "C1'"  sing N N 95  
G   "C2'" "H2'"  sing N N 96  
G   "O2'" "HO2'" sing N N 97  
G   "C1'" N9     sing N N 98  
G   "C1'" "H1'"  sing N N 99  
G   N9    C8     sing Y N 100 
G   N9    C4     sing Y N 101 
G   C8    N7     doub Y N 102 
G   C8    H8     sing N N 103 
G   N7    C5     sing Y N 104 
G   C5    C6     sing N N 105 
G   C5    C4     doub Y N 106 
G   C6    O6     doub N N 107 
G   C6    N1     sing N N 108 
G   N1    C2     sing N N 109 
G   N1    H1     sing N N 110 
G   C2    N2     sing N N 111 
G   C2    N3     doub N N 112 
G   N2    H21    sing N N 113 
G   N2    H22    sing N N 114 
G   N3    C4     sing N N 115 
HOH O     H1     sing N N 116 
HOH O     H2     sing N N 117 
U   OP3   P      sing N N 118 
U   OP3   HOP3   sing N N 119 
U   P     OP1    doub N N 120 
U   P     OP2    sing N N 121 
U   P     "O5'"  sing N N 122 
U   OP2   HOP2   sing N N 123 
U   "O5'" "C5'"  sing N N 124 
U   "C5'" "C4'"  sing N N 125 
U   "C5'" "H5'"  sing N N 126 
U   "C5'" "H5''" sing N N 127 
U   "C4'" "O4'"  sing N N 128 
U   "C4'" "C3'"  sing N N 129 
U   "C4'" "H4'"  sing N N 130 
U   "O4'" "C1'"  sing N N 131 
U   "C3'" "O3'"  sing N N 132 
U   "C3'" "C2'"  sing N N 133 
U   "C3'" "H3'"  sing N N 134 
U   "O3'" "HO3'" sing N N 135 
U   "C2'" "O2'"  sing N N 136 
U   "C2'" "C1'"  sing N N 137 
U   "C2'" "H2'"  sing N N 138 
U   "O2'" "HO2'" sing N N 139 
U   "C1'" N1     sing N N 140 
U   "C1'" "H1'"  sing N N 141 
U   N1    C2     sing N N 142 
U   N1    C6     sing N N 143 
U   C2    O2     doub N N 144 
U   C2    N3     sing N N 145 
U   N3    C4     sing N N 146 
U   N3    H3     sing N N 147 
U   C4    O4     doub N N 148 
U   C4    C5     sing N N 149 
U   C5    C6     doub N N 150 
U   C5    H5     sing N N 151 
U   C6    H6     sing N N 152 
# 
loop_
_ndb_struct_conf_na.entry_id 
_ndb_struct_conf_na.feature 
205D 'double helix'         
205D 'a-form double helix'  
205D 'mismatched base pair' 
# 
loop_
_ndb_struct_na_base_pair.model_number 
_ndb_struct_na_base_pair.i_label_asym_id 
_ndb_struct_na_base_pair.i_label_comp_id 
_ndb_struct_na_base_pair.i_label_seq_id 
_ndb_struct_na_base_pair.i_symmetry 
_ndb_struct_na_base_pair.j_label_asym_id 
_ndb_struct_na_base_pair.j_label_comp_id 
_ndb_struct_na_base_pair.j_label_seq_id 
_ndb_struct_na_base_pair.j_symmetry 
_ndb_struct_na_base_pair.shear 
_ndb_struct_na_base_pair.stretch 
_ndb_struct_na_base_pair.stagger 
_ndb_struct_na_base_pair.buckle 
_ndb_struct_na_base_pair.propeller 
_ndb_struct_na_base_pair.opening 
_ndb_struct_na_base_pair.pair_number 
_ndb_struct_na_base_pair.pair_name 
_ndb_struct_na_base_pair.i_auth_asym_id 
_ndb_struct_na_base_pair.i_auth_seq_id 
_ndb_struct_na_base_pair.i_PDB_ins_code 
_ndb_struct_na_base_pair.j_auth_asym_id 
_ndb_struct_na_base_pair.j_auth_seq_id 
_ndb_struct_na_base_pair.j_PDB_ins_code 
_ndb_struct_na_base_pair.hbond_type_28 
_ndb_struct_na_base_pair.hbond_type_12 
1 A G 1  1_555 B C 12 1_555 -1.048 -0.131 -0.640 -19.871 -17.728 1.061   1  A_G1:C24_B  A 1  ? B 24 ? 19 1 
1 A G 2  1_555 B C 11 1_555 -0.653 -0.359 0.628  8.784   12.326  0.078   2  A_G2:C23_B  A 2  ? B 23 ? 19 1 
1 A A 3  1_555 B U 10 1_555 0.233  -0.162 -1.186 -16.973 -2.012  -3.247  3  A_A3:U22_B  A 3  ? B 22 ? 20 1 
1 A C 4  1_555 B G 9  1_555 0.084  -0.029 -0.201 -8.929  5.191   0.586   4  A_C4:G21_B  A 4  ? B 21 ? 19 1 
1 A U 5  1_555 B G 8  1_555 2.639  -0.574 -0.011 11.510  7.917   2.502   5  A_U5:G20_B  A 5  ? B 20 ? 28 ? 
1 A U 6  1_555 B U 7  1_555 1.425  -1.988 -0.689 7.292   -34.313 -1.768  6  A_U6:U19_B  A 6  ? B 19 ? 16 1 
1 A U 7  1_555 B U 6  1_555 -1.115 -1.629 0.397  2.527   -8.982  3.359   7  A_U7:U18_B  A 7  ? B 18 ? 16 1 
1 A G 8  1_555 B U 5  1_555 -2.344 -0.691 -0.862 -3.852  -18.966 -4.754  8  A_G8:U17_B  A 8  ? B 17 ? 28 ? 
1 A G 9  1_555 B C 4  1_555 -0.610 -0.279 -0.724 -22.548 19.674  -7.666  9  A_G9:C16_B  A 9  ? B 16 ? 19 1 
1 A U 10 1_555 B A 3  1_555 -0.177 0.039  0.320  -3.431  19.119  1.872   10 A_U10:A15_B A 10 ? B 15 ? 20 1 
1 A C 11 1_555 B G 2  1_555 0.149  -0.178 0.600  -7.900  14.560  -1.063  11 A_C11:G14_B A 11 ? B 14 ? 19 1 
1 A C 12 1_555 B G 1  1_555 0.340  0.209  -0.528 9.791   -9.800  -10.850 12 A_C12:G13_B A 12 ? B 13 ? ?  ? 
# 
loop_
_ndb_struct_na_base_pair_step.model_number 
_ndb_struct_na_base_pair_step.i_label_asym_id_1 
_ndb_struct_na_base_pair_step.i_label_comp_id_1 
_ndb_struct_na_base_pair_step.i_label_seq_id_1 
_ndb_struct_na_base_pair_step.i_symmetry_1 
_ndb_struct_na_base_pair_step.j_label_asym_id_1 
_ndb_struct_na_base_pair_step.j_label_comp_id_1 
_ndb_struct_na_base_pair_step.j_label_seq_id_1 
_ndb_struct_na_base_pair_step.j_symmetry_1 
_ndb_struct_na_base_pair_step.i_label_asym_id_2 
_ndb_struct_na_base_pair_step.i_label_comp_id_2 
_ndb_struct_na_base_pair_step.i_label_seq_id_2 
_ndb_struct_na_base_pair_step.i_symmetry_2 
_ndb_struct_na_base_pair_step.j_label_asym_id_2 
_ndb_struct_na_base_pair_step.j_label_comp_id_2 
_ndb_struct_na_base_pair_step.j_label_seq_id_2 
_ndb_struct_na_base_pair_step.j_symmetry_2 
_ndb_struct_na_base_pair_step.shift 
_ndb_struct_na_base_pair_step.slide 
_ndb_struct_na_base_pair_step.rise 
_ndb_struct_na_base_pair_step.tilt 
_ndb_struct_na_base_pair_step.roll 
_ndb_struct_na_base_pair_step.twist 
_ndb_struct_na_base_pair_step.x_displacement 
_ndb_struct_na_base_pair_step.y_displacement 
_ndb_struct_na_base_pair_step.helical_rise 
_ndb_struct_na_base_pair_step.inclination 
_ndb_struct_na_base_pair_step.tip 
_ndb_struct_na_base_pair_step.helical_twist 
_ndb_struct_na_base_pair_step.step_number 
_ndb_struct_na_base_pair_step.step_name 
_ndb_struct_na_base_pair_step.i_auth_asym_id_1 
_ndb_struct_na_base_pair_step.i_auth_seq_id_1 
_ndb_struct_na_base_pair_step.i_PDB_ins_code_1 
_ndb_struct_na_base_pair_step.j_auth_asym_id_1 
_ndb_struct_na_base_pair_step.j_auth_seq_id_1 
_ndb_struct_na_base_pair_step.j_PDB_ins_code_1 
_ndb_struct_na_base_pair_step.i_auth_asym_id_2 
_ndb_struct_na_base_pair_step.i_auth_seq_id_2 
_ndb_struct_na_base_pair_step.i_PDB_ins_code_2 
_ndb_struct_na_base_pair_step.j_auth_asym_id_2 
_ndb_struct_na_base_pair_step.j_auth_seq_id_2 
_ndb_struct_na_base_pair_step.j_PDB_ins_code_2 
1 A G 1  1_555 B C 12 1_555 A G 2  1_555 B C 11 1_555 -0.174 -1.463 2.703 -15.543 -6.370 36.956 -1.488 -1.276 2.763 -9.472 23.113  
40.472 1  AA_G1G2:C23C24_BB   A 1  ? B 24 ? A 2  ? B 23 ? 
1 A G 2  1_555 B C 11 1_555 A A 3  1_555 B U 10 1_555 -0.568 -2.141 4.077 13.447  14.071 34.469 -5.010 2.596  2.652 21.736 -20.771 
39.439 2  AA_G2A3:U22C23_BB   A 2  ? B 23 ? A 3  ? B 22 ? 
1 A A 3  1_555 B U 10 1_555 A C 4  1_555 B G 9  1_555 0.338  -1.657 3.105 -5.347  6.087  29.186 -4.270 -1.611 2.612 11.795 10.361  
30.266 3  AA_A3C4:G21U22_BB   A 3  ? B 22 ? A 4  ? B 21 ? 
1 A C 4  1_555 B G 9  1_555 A U 5  1_555 B G 8  1_555 0.873  -1.555 2.900 -0.532  -3.221 38.936 -1.975 -1.364 3.002 -4.822 0.796   
39.068 4  AA_C4U5:G20G21_BB   A 4  ? B 21 ? A 5  ? B 20 ? 
1 A U 5  1_555 B G 8  1_555 A U 6  1_555 B U 7  1_555 0.218  -1.330 2.997 17.240  20.536 24.618 -4.483 1.620  1.414 36.908 -30.985 
36.247 5  AA_U5U6:U19G20_BB   A 5  ? B 20 ? A 6  ? B 19 ? 
1 A U 6  1_555 B U 7  1_555 A U 7  1_555 B U 6  1_555 0.856  -1.614 3.161 -7.539  14.598 37.330 -3.711 -1.950 2.199 21.573 11.142  
40.668 6  AA_U6U7:U18U19_BB   A 6  ? B 19 ? A 7  ? B 18 ? 
1 A U 7  1_555 B U 6  1_555 A G 8  1_555 B U 5  1_555 -0.263 -2.205 3.526 7.832   6.342  19.219 -8.280 3.685  2.397 17.522 -21.637 
21.679 7  AA_U7G8:U17U18_BB   A 7  ? B 18 ? A 8  ? B 17 ? 
1 A G 8  1_555 B U 5  1_555 A G 9  1_555 B C 4  1_555 -0.579 -1.422 3.671 -10.556 23.554 37.923 -3.989 -0.219 2.500 32.113 14.392  
45.605 8  AA_G8G9:C16U17_BB   A 8  ? B 17 ? A 9  ? B 16 ? 
1 A G 9  1_555 B C 4  1_555 A U 10 1_555 B A 3  1_555 0.384  -1.393 3.144 -8.261  -4.623 34.659 -1.615 -1.779 3.128 -7.586 13.556  
35.890 9  AA_G9U10:A15C16_BB  A 9  ? B 16 ? A 10 ? B 15 ? 
1 A U 10 1_555 B A 3  1_555 A C 11 1_555 B G 2  1_555 0.579  -2.172 3.255 -2.181  12.221 32.538 -5.268 -1.261 2.274 20.888 3.728   
34.766 10 AA_U10C11:G14A15_BB A 10 ? B 15 ? A 11 ? B 14 ? 
1 A C 11 1_555 B G 2  1_555 A C 12 1_555 B G 1  1_555 -0.474 -2.144 2.728 10.545  -2.403 32.175 -3.354 2.231  2.598 -4.192 -18.389 
33.898 11 AA_C11C12:G13G14_BB A 11 ? B 14 ? A 12 ? B 13 ? 
# 
_atom_sites.entry_id                    205D 
_atom_sites.fract_transf_matrix[1][1]   0.01000716 
_atom_sites.fract_transf_matrix[1][2]   -0.01907117 
_atom_sites.fract_transf_matrix[1][3]   0.02205424 
_atom_sites.fract_transf_matrix[2][1]   0.00954939 
_atom_sites.fract_transf_matrix[2][2]   -0.01988716 
_atom_sites.fract_transf_matrix[2][3]   -0.02153027 
_atom_sites.fract_transf_matrix[3][1]   0.01045505 
_atom_sites.fract_transf_matrix[3][2]   0.00524550 
_atom_sites.fract_transf_matrix[3][3]   -0.00020801 
_atom_sites.fract_transf_vector[1]      0.074639 
_atom_sites.fract_transf_vector[2]      0.059355 
_atom_sites.fract_transf_vector[3]      -0.034400 
# 
loop_
_atom_type.symbol 
C 
N 
O 
P 
# 
loop_
_atom_site.group_PDB 
_atom_site.id 
_atom_site.type_symbol 
_atom_site.label_atom_id 
_atom_site.label_alt_id 
_atom_site.label_comp_id 
_atom_site.label_asym_id 
_atom_site.label_entity_id 
_atom_site.label_seq_id 
_atom_site.pdbx_PDB_ins_code 
_atom_site.Cartn_x 
_atom_site.Cartn_y 
_atom_site.Cartn_z 
_atom_site.occupancy 
_atom_site.B_iso_or_equiv 
_atom_site.pdbx_formal_charge 
_atom_site.auth_seq_id 
_atom_site.auth_comp_id 
_atom_site.auth_asym_id 
_atom_site.auth_atom_id 
_atom_site.pdbx_PDB_model_num 
ATOM   1   O "O5'" . G   A 1 1  ? -0.968  -11.439 -7.430  1.00 40.89 ? 1  G   A "O5'" 1 
ATOM   2   C "C5'" . G   A 1 1  ? -1.638  -12.604 -6.901  1.00 37.74 ? 1  G   A "C5'" 1 
ATOM   3   C "C4'" . G   A 1 1  ? -0.677  -13.548 -6.243  1.00 34.00 ? 1  G   A "C4'" 1 
ATOM   4   O "O4'" . G   A 1 1  ? 0.287   -13.986 -7.206  1.00 32.80 ? 1  G   A "O4'" 1 
ATOM   5   C "C3'" . G   A 1 1  ? 0.127   -12.900 -5.138  1.00 34.60 ? 1  G   A "C3'" 1 
ATOM   6   O "O3'" . G   A 1 1  ? -0.561  -12.818 -3.894  1.00 38.41 ? 1  G   A "O3'" 1 
ATOM   7   C "C2'" . G   A 1 1  ? 1.342   -13.745 -5.058  1.00 34.75 ? 1  G   A "C2'" 1 
ATOM   8   O "O2'" . G   A 1 1  ? 1.022   -14.935 -4.297  1.00 36.59 ? 1  G   A "O2'" 1 
ATOM   9   C "C1'" . G   A 1 1  ? 1.582   -14.046 -6.562  1.00 35.51 ? 1  G   A "C1'" 1 
ATOM   10  N N9    . G   A 1 1  ? 2.478   -13.053 -7.220  1.00 33.71 ? 1  G   A N9    1 
ATOM   11  C C8    . G   A 1 1  ? 2.178   -12.191 -8.256  1.00 33.77 ? 1  G   A C8    1 
ATOM   12  N N7    . G   A 1 1  ? 3.160   -11.433 -8.625  1.00 33.22 ? 1  G   A N7    1 
ATOM   13  C C5    . G   A 1 1  ? 4.198   -11.822 -7.789  1.00 33.31 ? 1  G   A C5    1 
ATOM   14  C C6    . G   A 1 1  ? 5.527   -11.353 -7.735  1.00 29.43 ? 1  G   A C6    1 
ATOM   15  O O6    . G   A 1 1  ? 6.079   -10.500 -8.405  1.00 21.13 ? 1  G   A O6    1 
ATOM   16  N N1    . G   A 1 1  ? 6.242   -11.990 -6.796  1.00 33.75 ? 1  G   A N1    1 
ATOM   17  C C2    . G   A 1 1  ? 5.776   -12.958 -5.964  1.00 34.73 ? 1  G   A C2    1 
ATOM   18  N N2    . G   A 1 1  ? 6.660   -13.393 -5.107  1.00 38.21 ? 1  G   A N2    1 
ATOM   19  N N3    . G   A 1 1  ? 4.526   -13.431 -5.984  1.00 35.62 ? 1  G   A N3    1 
ATOM   20  C C4    . G   A 1 1  ? 3.794   -12.819 -6.927  1.00 33.63 ? 1  G   A C4    1 
ATOM   21  P P     . G   A 1 2  ? -0.310  -11.531 -2.908  1.00 39.61 ? 2  G   A P     1 
ATOM   22  O OP1   . G   A 1 2  ? -1.295  -11.548 -1.801  1.00 38.45 ? 2  G   A OP1   1 
ATOM   23  O OP2   . G   A 1 2  ? -0.349  -10.459 -3.944  1.00 38.71 ? 2  G   A OP2   1 
ATOM   24  O "O5'" . G   A 1 2  ? 1.173   -11.660 -2.288  1.00 35.45 ? 2  G   A "O5'" 1 
ATOM   25  C "C5'" . G   A 1 2  ? 1.426   -12.795 -1.420  1.00 37.66 ? 2  G   A "C5'" 1 
ATOM   26  C "C4'" . G   A 1 2  ? 2.861   -12.882 -0.957  1.00 35.49 ? 2  G   A "C4'" 1 
ATOM   27  O "O4'" . G   A 1 2  ? 3.789   -13.117 -2.018  1.00 38.64 ? 2  G   A "O4'" 1 
ATOM   28  C "C3'" . G   A 1 2  ? 3.221   -11.583 -0.517  1.00 35.09 ? 2  G   A "C3'" 1 
ATOM   29  O "O3'" . G   A 1 2  ? 2.757   -11.376 0.773   1.00 37.46 ? 2  G   A "O3'" 1 
ATOM   30  C "C2'" . G   A 1 2  ? 4.708   -11.528 -0.648  1.00 35.70 ? 2  G   A "C2'" 1 
ATOM   31  O "O2'" . G   A 1 2  ? 5.322   -12.361 0.338   1.00 34.57 ? 2  G   A "O2'" 1 
ATOM   32  C "C1'" . G   A 1 2  ? 4.883   -12.194 -1.916  1.00 33.18 ? 2  G   A "C1'" 1 
ATOM   33  N N9    . G   A 1 2  ? 4.918   -11.252 -3.046  1.00 32.63 ? 2  G   A N9    1 
ATOM   34  C C8    . G   A 1 2  ? 3.944   -10.944 -3.958  1.00 33.52 ? 2  G   A C8    1 
ATOM   35  N N7    . G   A 1 2  ? 4.316   -10.092 -4.872  1.00 30.27 ? 2  G   A N7    1 
ATOM   36  C C5    . G   A 1 2  ? 5.624   -9.799  -4.532  1.00 30.02 ? 2  G   A C5    1 
ATOM   37  C C6    . G   A 1 2  ? 6.548   -8.942  -5.133  1.00 28.30 ? 2  G   A C6    1 
ATOM   38  O O6    . G   A 1 2  ? 6.430   -8.238  -6.112  1.00 29.93 ? 2  G   A O6    1 
ATOM   39  N N1    . G   A 1 2  ? 7.747   -8.927  -4.487  1.00 34.72 ? 2  G   A N1    1 
ATOM   40  C C2    . G   A 1 2  ? 8.057   -9.668  -3.371  1.00 37.13 ? 2  G   A C2    1 
ATOM   41  N N2    . G   A 1 2  ? 9.286   -9.534  -2.878  1.00 36.90 ? 2  G   A N2    1 
ATOM   42  N N3    . G   A 1 2  ? 7.192   -10.493 -2.789  1.00 36.98 ? 2  G   A N3    1 
ATOM   43  C C4    . G   A 1 2  ? 6.000   -10.518 -3.428  1.00 34.09 ? 2  G   A C4    1 
ATOM   44  P P     . A   A 1 3  ? 2.871   -9.896  1.258   1.00 40.53 ? 3  A   A P     1 
ATOM   45  O OP1   . A   A 1 3  ? 2.838   -10.971 2.296   1.00 38.97 ? 3  A   A OP1   1 
ATOM   46  O OP2   . A   A 1 3  ? 1.889   -8.793  1.289   1.00 39.32 ? 3  A   A OP2   1 
ATOM   47  O "O5'" . A   A 1 3  ? 4.386   -9.300  1.161   1.00 36.55 ? 3  A   A "O5'" 1 
ATOM   48  C "C5'" . A   A 1 3  ? 5.311   -9.635  2.225   1.00 35.13 ? 3  A   A "C5'" 1 
ATOM   49  C "C4'" . A   A 1 3  ? 6.630   -8.876  2.171   1.00 32.04 ? 3  A   A "C4'" 1 
ATOM   50  O "O4'" . A   A 1 3  ? 7.349   -9.167  0.950   1.00 32.74 ? 3  A   A "O4'" 1 
ATOM   51  C "C3'" . A   A 1 3  ? 6.504   -7.378  2.077   1.00 32.34 ? 3  A   A "C3'" 1 
ATOM   52  O "O3'" . A   A 1 3  ? 5.752   -6.629  3.034   1.00 28.67 ? 3  A   A "O3'" 1 
ATOM   53  C "C2'" . A   A 1 3  ? 7.883   -6.979  1.629   1.00 33.30 ? 3  A   A "C2'" 1 
ATOM   54  O "O2'" . A   A 1 3  ? 8.853   -7.315  2.619   1.00 31.29 ? 3  A   A "O2'" 1 
ATOM   55  C "C1'" . A   A 1 3  ? 8.068   -7.974  0.511   1.00 31.95 ? 3  A   A "C1'" 1 
ATOM   56  N N9    . A   A 1 3  ? 7.447   -7.446  -0.729  1.00 29.87 ? 3  A   A N9    1 
ATOM   57  C C8    . A   A 1 3  ? 6.216   -7.734  -1.226  1.00 32.99 ? 3  A   A C8    1 
ATOM   58  N N7    . A   A 1 3  ? 5.936   -7.128  -2.338  1.00 34.39 ? 3  A   A N7    1 
ATOM   59  C C5    . A   A 1 3  ? 7.053   -6.394  -2.602  1.00 30.29 ? 3  A   A C5    1 
ATOM   60  C C6    . A   A 1 3  ? 7.351   -5.541  -3.633  1.00 29.74 ? 3  A   A C6    1 
ATOM   61  N N6    . A   A 1 3  ? 6.507   -5.293  -4.614  1.00 31.85 ? 3  A   A N6    1 
ATOM   62  N N1    . A   A 1 3  ? 8.520   -4.942  -3.599  1.00 29.45 ? 3  A   A N1    1 
ATOM   63  C C2    . A   A 1 3  ? 9.343   -5.205  -2.593  1.00 32.41 ? 3  A   A C2    1 
ATOM   64  N N3    . A   A 1 3  ? 9.176   -5.996  -1.544  1.00 33.07 ? 3  A   A N3    1 
ATOM   65  C C4    . A   A 1 3  ? 7.981   -6.565  -1.619  1.00 29.99 ? 3  A   A C4    1 
ATOM   66  P P     . C   A 1 4  ? 6.377   -5.640  4.125   1.00 33.26 ? 4  C   A P     1 
ATOM   67  O OP1   . C   A 1 4  ? 7.440   -6.526  4.615   1.00 29.46 ? 4  C   A OP1   1 
ATOM   68  O OP2   . C   A 1 4  ? 5.360   -5.074  5.082   1.00 14.05 ? 4  C   A OP2   1 
ATOM   69  O "O5'" . C   A 1 4  ? 7.152   -4.431  3.423   1.00 28.82 ? 4  C   A "O5'" 1 
ATOM   70  C "C5'" . C   A 1 4  ? 8.339   -4.015  4.026   1.00 21.93 ? 4  C   A "C5'" 1 
ATOM   71  C "C4'" . C   A 1 4  ? 9.192   -3.211  3.113   1.00 21.99 ? 4  C   A "C4'" 1 
ATOM   72  O "O4'" . C   A 1 4  ? 9.427   -3.776  1.807   1.00 21.81 ? 4  C   A "O4'" 1 
ATOM   73  C "C3'" . C   A 1 4  ? 8.553   -1.887  2.807   1.00 20.88 ? 4  C   A "C3'" 1 
ATOM   74  O "O3'" . C   A 1 4  ? 8.687   -0.990  3.931   1.00 22.91 ? 4  C   A "O3'" 1 
ATOM   75  C "C2'" . C   A 1 4  ? 9.374   -1.431  1.644   1.00 19.59 ? 4  C   A "C2'" 1 
ATOM   76  O "O2'" . C   A 1 4  ? 10.706  -1.044  2.061   1.00 11.41 ? 4  C   A "O2'" 1 
ATOM   77  C "C1'" . C   A 1 4  ? 9.467   -2.669  0.850   1.00 24.22 ? 4  C   A "C1'" 1 
ATOM   78  N N1    . C   A 1 4  ? 8.357   -2.721  -0.143  1.00 27.95 ? 4  C   A N1    1 
ATOM   79  C C2    . C   A 1 4  ? 8.414   -1.901  -1.266  1.00 31.14 ? 4  C   A C2    1 
ATOM   80  O O2    . C   A 1 4  ? 9.337   -1.127  -1.463  1.00 34.52 ? 4  C   A O2    1 
ATOM   81  N N3    . C   A 1 4  ? 7.404   -1.976  -2.171  1.00 31.71 ? 4  C   A N3    1 
ATOM   82  C C4    . C   A 1 4  ? 6.385   -2.813  -1.978  1.00 32.50 ? 4  C   A C4    1 
ATOM   83  N N4    . C   A 1 4  ? 5.435   -2.880  -2.877  1.00 34.65 ? 4  C   A N4    1 
ATOM   84  C C5    . C   A 1 4  ? 6.310   -3.657  -0.842  1.00 33.71 ? 4  C   A C5    1 
ATOM   85  C C6    . C   A 1 4  ? 7.320   -3.579  0.052   1.00 30.23 ? 4  C   A C6    1 
ATOM   86  P P     . U   A 1 5  ? 7.589   0.159   4.313   1.00 26.83 ? 5  U   A P     1 
ATOM   87  O OP1   . U   A 1 5  ? 6.714   0.901   5.301   1.00 23.36 ? 5  U   A OP1   1 
ATOM   88  O OP2   . U   A 1 5  ? 8.947   -0.243  4.730   1.00 28.73 ? 5  U   A OP2   1 
ATOM   89  O "O5'" . U   A 1 5  ? 7.713   1.133   3.091   1.00 22.45 ? 5  U   A "O5'" 1 
ATOM   90  C "C5'" . U   A 1 5  ? 8.946   1.878   3.045   1.00 14.22 ? 5  U   A "C5'" 1 
ATOM   91  C "C4'" . U   A 1 5  ? 9.077   2.566   1.762   1.00 14.35 ? 5  U   A "C4'" 1 
ATOM   92  O "O4'" . U   A 1 5  ? 8.764   1.562   0.747   1.00 9.07  ? 5  U   A "O4'" 1 
ATOM   93  C "C3'" . U   A 1 5  ? 8.063   3.693   1.552   1.00 13.96 ? 5  U   A "C3'" 1 
ATOM   94  O "O3'" . U   A 1 5  ? 8.533   5.000   2.013   1.00 5.81  ? 5  U   A "O3'" 1 
ATOM   95  C "C2'" . U   A 1 5  ? 7.878   3.643   0.006   1.00 12.24 ? 5  U   A "C2'" 1 
ATOM   96  O "O2'" . U   A 1 5  ? 8.983   4.228   -0.665  1.00 2.00  ? 5  U   A "O2'" 1 
ATOM   97  C "C1'" . U   A 1 5  ? 8.009   2.148   -0.335  1.00 15.12 ? 5  U   A "C1'" 1 
ATOM   98  N N1    . U   A 1 5  ? 6.679   1.410   -0.633  1.00 21.75 ? 5  U   A N1    1 
ATOM   99  C C2    . U   A 1 5  ? 5.976   1.565   -1.883  1.00 17.47 ? 5  U   A C2    1 
ATOM   100 O O2    . U   A 1 5  ? 6.357   2.307   -2.787  1.00 9.62  ? 5  U   A O2    1 
ATOM   101 N N3    . U   A 1 5  ? 4.809   0.855   -2.022  1.00 22.46 ? 5  U   A N3    1 
ATOM   102 C C4    . U   A 1 5  ? 4.264   -0.012  -1.048  1.00 27.48 ? 5  U   A C4    1 
ATOM   103 O O4    . U   A 1 5  ? 3.217   -0.640  -1.244  1.00 28.92 ? 5  U   A O4    1 
ATOM   104 C C5    . U   A 1 5  ? 5.038   -0.092  0.168   1.00 27.89 ? 5  U   A C5    1 
ATOM   105 C C6    . U   A 1 5  ? 6.189   0.586   0.334   1.00 26.91 ? 5  U   A C6    1 
ATOM   106 P P     . U   A 1 6  ? 7.469   5.990   2.675   1.00 7.59  ? 6  U   A P     1 
ATOM   107 O OP1   . U   A 1 6  ? 7.562   7.304   3.345   1.00 2.00  ? 6  U   A OP1   1 
ATOM   108 O OP2   . U   A 1 6  ? 6.820   4.795   3.466   1.00 10.68 ? 6  U   A OP2   1 
ATOM   109 O "O5'" . U   A 1 6  ? 6.442   6.284   1.351   1.00 3.57  ? 6  U   A "O5'" 1 
ATOM   110 C "C5'" . U   A 1 6  ? 6.703   7.466   0.634   1.00 7.16  ? 6  U   A "C5'" 1 
ATOM   111 C "C4'" . U   A 1 6  ? 6.118   7.327   -0.614  1.00 14.57 ? 6  U   A "C4'" 1 
ATOM   112 O "O4'" . U   A 1 6  ? 6.038   5.907   -0.900  1.00 15.26 ? 6  U   A "O4'" 1 
ATOM   113 C "C3'" . U   A 1 6  ? 4.691   7.776   -0.677  1.00 17.72 ? 6  U   A "C3'" 1 
ATOM   114 O "O3'" . U   A 1 6  ? 4.379   9.174   -0.672  1.00 8.54  ? 6  U   A "O3'" 1 
ATOM   115 C "C2'" . U   A 1 6  ? 4.075   6.987   -1.818  1.00 12.10 ? 6  U   A "C2'" 1 
ATOM   116 O "O2'" . U   A 1 6  ? 4.100   7.756   -3.010  1.00 16.05 ? 6  U   A "O2'" 1 
ATOM   117 C "C1'" . U   A 1 6  ? 5.010   5.807   -1.939  1.00 15.26 ? 6  U   A "C1'" 1 
ATOM   118 N N1    . U   A 1 6  ? 4.128   4.641   -1.759  1.00 15.23 ? 6  U   A N1    1 
ATOM   119 C C2    . U   A 1 6  ? 3.438   4.231   -2.882  1.00 14.61 ? 6  U   A C2    1 
ATOM   120 O O2    . U   A 1 6  ? 3.632   4.692   -3.969  1.00 11.48 ? 6  U   A O2    1 
ATOM   121 N N3    . U   A 1 6  ? 2.555   3.226   -2.628  1.00 15.63 ? 6  U   A N3    1 
ATOM   122 C C4    . U   A 1 6  ? 2.269   2.661   -1.411  1.00 10.12 ? 6  U   A C4    1 
ATOM   123 O O4    . U   A 1 6  ? 1.444   1.756   -1.319  1.00 13.45 ? 6  U   A O4    1 
ATOM   124 C C5    . U   A 1 6  ? 3.005   3.160   -0.294  1.00 10.68 ? 6  U   A C5    1 
ATOM   125 C C6    . U   A 1 6  ? 3.898   4.146   -0.518  1.00 12.37 ? 6  U   A C6    1 
ATOM   126 P P     . U   A 1 7  ? 3.158   9.524   0.343   1.00 30.87 ? 7  U   A P     1 
ATOM   127 O OP1   . U   A 1 7  ? 3.633   10.917  0.422   1.00 31.13 ? 7  U   A OP1   1 
ATOM   128 O OP2   . U   A 1 7  ? 2.546   8.904   1.569   1.00 24.90 ? 7  U   A OP2   1 
ATOM   129 O "O5'" . U   A 1 7  ? 2.142   9.344   -0.998  1.00 23.55 ? 7  U   A "O5'" 1 
ATOM   130 C "C5'" . U   A 1 7  ? 2.082   10.304  -2.030  1.00 28.02 ? 7  U   A "C5'" 1 
ATOM   131 C "C4'" . U   A 1 7  ? 0.952   10.106  -3.013  1.00 37.17 ? 7  U   A "C4'" 1 
ATOM   132 O "O4'" . U   A 1 7  ? 1.056   8.803   -3.583  1.00 42.63 ? 7  U   A "O4'" 1 
ATOM   133 C "C3'" . U   A 1 7  ? -0.414  10.144  -2.367  1.00 41.95 ? 7  U   A "C3'" 1 
ATOM   134 O "O3'" . U   A 1 7  ? -0.987  11.466  -2.124  1.00 42.06 ? 7  U   A "O3'" 1 
ATOM   135 C "C2'" . U   A 1 7  ? -1.229  9.245   -3.274  1.00 43.66 ? 7  U   A "C2'" 1 
ATOM   136 O "O2'" . U   A 1 7  ? -1.694  9.964   -4.412  1.00 48.05 ? 7  U   A "O2'" 1 
ATOM   137 C "C1'" . U   A 1 7  ? -0.242  8.202   -3.735  1.00 44.28 ? 7  U   A "C1'" 1 
ATOM   138 N N1    . U   A 1 7  ? -0.330  6.972   -2.919  1.00 48.29 ? 7  U   A N1    1 
ATOM   139 C C2    . U   A 1 7  ? -1.241  5.997   -3.289  1.00 50.32 ? 7  U   A C2    1 
ATOM   140 O O2    . U   A 1 7  ? -1.982  6.126   -4.265  1.00 53.52 ? 7  U   A O2    1 
ATOM   141 N N3    . U   A 1 7  ? -1.262  4.850   -2.471  1.00 51.21 ? 7  U   A N3    1 
ATOM   142 C C4    . U   A 1 7  ? -0.465  4.642   -1.335  1.00 51.83 ? 7  U   A C4    1 
ATOM   143 O O4    . U   A 1 7  ? -0.544  3.624   -0.648  1.00 53.41 ? 7  U   A O4    1 
ATOM   144 C C5    . U   A 1 7  ? 0.440   5.716   -1.056  1.00 52.02 ? 7  U   A C5    1 
ATOM   145 C C6    . U   A 1 7  ? 0.481   6.813   -1.836  1.00 50.17 ? 7  U   A C6    1 
ATOM   146 P P     . G   A 1 8  ? -2.010  11.703  -0.838  1.00 47.79 ? 8  G   A P     1 
ATOM   147 O OP1   . G   A 1 8  ? -1.923  13.129  -0.399  1.00 45.63 ? 8  G   A OP1   1 
ATOM   148 O OP2   . G   A 1 8  ? -2.380  10.684  0.167   1.00 45.43 ? 8  G   A OP2   1 
ATOM   149 O "O5'" . G   A 1 8  ? -3.108  11.589  -2.008  1.00 45.65 ? 8  G   A "O5'" 1 
ATOM   150 C "C5'" . G   A 1 8  ? -4.454  11.245  -1.684  1.00 40.80 ? 8  G   A "C5'" 1 
ATOM   151 C "C4'" . G   A 1 8  ? -5.040  10.325  -2.720  1.00 39.19 ? 8  G   A "C4'" 1 
ATOM   152 O "O4'" . G   A 1 8  ? -4.187  9.190   -2.980  1.00 39.02 ? 8  G   A "O4'" 1 
ATOM   153 C "C3'" . G   A 1 8  ? -6.282  9.689   -2.198  1.00 38.29 ? 8  G   A "C3'" 1 
ATOM   154 O "O3'" . G   A 1 8  ? -7.378  10.550  -2.124  1.00 36.00 ? 8  G   A "O3'" 1 
ATOM   155 C "C2'" . G   A 1 8  ? -6.485  8.504   -3.089  1.00 40.17 ? 8  G   A "C2'" 1 
ATOM   156 O "O2'" . G   A 1 8  ? -6.986  8.874   -4.388  1.00 31.72 ? 8  G   A "O2'" 1 
ATOM   157 C "C1'" . G   A 1 8  ? -5.015  8.007   -3.208  1.00 38.52 ? 8  G   A "C1'" 1 
ATOM   158 N N9    . G   A 1 8  ? -4.739  6.902   -2.221  1.00 34.65 ? 8  G   A N9    1 
ATOM   159 C C8    . G   A 1 8  ? -3.893  6.920   -1.145  1.00 33.29 ? 8  G   A C8    1 
ATOM   160 N N7    . G   A 1 8  ? -3.835  5.797   -0.480  1.00 29.81 ? 8  G   A N7    1 
ATOM   161 C C5    . G   A 1 8  ? -4.725  4.954   -1.179  1.00 29.81 ? 8  G   A C5    1 
ATOM   162 C C6    . G   A 1 8  ? -5.124  3.606   -0.938  1.00 27.55 ? 8  G   A C6    1 
ATOM   163 O O6    . G   A 1 8  ? -4.764  2.865   -0.041  1.00 21.73 ? 8  G   A O6    1 
ATOM   164 N N1    . G   A 1 8  ? -6.065  3.151   -1.840  1.00 27.86 ? 8  G   A N1    1 
ATOM   165 C C2    . G   A 1 8  ? -6.548  3.898   -2.895  1.00 28.51 ? 8  G   A C2    1 
ATOM   166 N N2    . G   A 1 8  ? -7.418  3.291   -3.700  1.00 27.70 ? 8  G   A N2    1 
ATOM   167 N N3    . G   A 1 8  ? -6.178  5.156   -3.141  1.00 28.28 ? 8  G   A N3    1 
ATOM   168 C C4    . G   A 1 8  ? -5.284  5.633   -2.246  1.00 29.37 ? 8  G   A C4    1 
ATOM   169 P P     . G   A 1 9  ? -7.897  10.972  -0.651  1.00 43.39 ? 9  G   A P     1 
ATOM   170 O OP1   . G   A 1 9  ? -8.640  12.222  -0.935  1.00 45.82 ? 9  G   A OP1   1 
ATOM   171 O OP2   . G   A 1 9  ? -6.947  10.931  0.490   1.00 45.90 ? 9  G   A OP2   1 
ATOM   172 O "O5'" . G   A 1 9  ? -8.933  9.743   -0.567  1.00 42.52 ? 9  G   A "O5'" 1 
ATOM   173 C "C5'" . G   A 1 9  ? -10.129 9.803   -1.356  1.00 43.56 ? 9  G   A "C5'" 1 
ATOM   174 C "C4'" . G   A 1 9  ? -10.889 8.506   -1.351  1.00 41.78 ? 9  G   A "C4'" 1 
ATOM   175 O "O4'" . G   A 1 9  ? -10.023 7.454   -1.749  1.00 45.17 ? 9  G   A "O4'" 1 
ATOM   176 C "C3'" . G   A 1 9  ? -11.393 8.128   -0.017  1.00 39.24 ? 9  G   A "C3'" 1 
ATOM   177 O "O3'" . G   A 1 9  ? -12.599 8.802   0.270   1.00 30.03 ? 9  G   A "O3'" 1 
ATOM   178 C "C2'" . G   A 1 9  ? -11.547 6.626   -0.132  1.00 42.11 ? 9  G   A "C2'" 1 
ATOM   179 O "O2'" . G   A 1 9  ? -12.735 6.271   -0.825  1.00 43.25 ? 9  G   A "O2'" 1 
ATOM   180 C "C1'" . G   A 1 9  ? -10.396 6.255   -1.016  1.00 44.97 ? 9  G   A "C1'" 1 
ATOM   181 N N9    . G   A 1 9  ? -9.249  5.626   -0.326  1.00 46.99 ? 9  G   A N9    1 
ATOM   182 C C8    . G   A 1 9  ? -7.948  5.990   -0.422  1.00 47.90 ? 9  G   A C8    1 
ATOM   183 N N7    . G   A 1 9  ? -7.142  5.268   0.280   1.00 47.93 ? 9  G   A N7    1 
ATOM   184 C C5    . G   A 1 9  ? -7.949  4.328   0.876   1.00 45.56 ? 9  G   A C5    1 
ATOM   185 C C6    . G   A 1 9  ? -7.608  3.290   1.735   1.00 42.61 ? 9  G   A C6    1 
ATOM   186 O O6    . G   A 1 9  ? -6.510  2.983   2.134   1.00 38.40 ? 9  G   A O6    1 
ATOM   187 N N1    . G   A 1 9  ? -8.693  2.565   2.121   1.00 41.50 ? 9  G   A N1    1 
ATOM   188 C C2    . G   A 1 9  ? -9.979  2.809   1.726   1.00 39.81 ? 9  G   A C2    1 
ATOM   189 N N2    . G   A 1 9  ? -10.899 1.996   2.237   1.00 40.77 ? 9  G   A N2    1 
ATOM   190 N N3    . G   A 1 9  ? -10.328 3.808   0.914   1.00 42.42 ? 9  G   A N3    1 
ATOM   191 C C4    . G   A 1 9  ? -9.255  4.524   0.514   1.00 46.71 ? 9  G   A C4    1 
ATOM   192 P P     . U   A 1 10 ? -12.823 9.298   1.790   1.00 31.51 ? 10 U   A P     1 
ATOM   193 O OP1   . U   A 1 10 ? -14.028 10.162  1.977   1.00 32.45 ? 10 U   A OP1   1 
ATOM   194 O OP2   . U   A 1 10 ? -11.563 9.670   2.471   1.00 28.97 ? 10 U   A OP2   1 
ATOM   195 O "O5'" . U   A 1 10 ? -13.210 7.777   2.189   1.00 30.01 ? 10 U   A "O5'" 1 
ATOM   196 C "C5'" . U   A 1 10 ? -14.469 7.191   1.830   1.00 31.25 ? 10 U   A "C5'" 1 
ATOM   197 C "C4'" . U   A 1 10 ? -14.693 5.884   2.551   1.00 31.76 ? 10 U   A "C4'" 1 
ATOM   198 O "O4'" . U   A 1 10 ? -13.687 4.920   2.229   1.00 35.03 ? 10 U   A "O4'" 1 
ATOM   199 C "C3'" . U   A 1 10 ? -14.518 6.079   4.011   1.00 32.81 ? 10 U   A "C3'" 1 
ATOM   200 O "O3'" . U   A 1 10 ? -15.643 6.633   4.601   1.00 33.24 ? 10 U   A "O3'" 1 
ATOM   201 C "C2'" . U   A 1 10 ? -14.198 4.715   4.536   1.00 34.66 ? 10 U   A "C2'" 1 
ATOM   202 O "O2'" . U   A 1 10 ? -15.391 3.901   4.591   1.00 29.18 ? 10 U   A "O2'" 1 
ATOM   203 C "C1'" . U   A 1 10 ? -13.250 4.222   3.446   1.00 34.04 ? 10 U   A "C1'" 1 
ATOM   204 N N1    . U   A 1 10 ? -11.797 4.534   3.791   1.00 37.21 ? 10 U   A N1    1 
ATOM   205 C C2    . U   A 1 10 ? -11.118 3.720   4.717   1.00 31.84 ? 10 U   A C2    1 
ATOM   206 O O2    . U   A 1 10 ? -11.626 2.796   5.311   1.00 25.19 ? 10 U   A O2    1 
ATOM   207 N N3    . U   A 1 10 ? -9.805  4.042   4.957   1.00 34.15 ? 10 U   A N3    1 
ATOM   208 C C4    . U   A 1 10 ? -9.100  5.079   4.404   1.00 34.32 ? 10 U   A C4    1 
ATOM   209 O O4    . U   A 1 10 ? -7.947  5.252   4.752   1.00 33.95 ? 10 U   A O4    1 
ATOM   210 C C5    . U   A 1 10 ? -9.840  5.862   3.450   1.00 37.52 ? 10 U   A C5    1 
ATOM   211 C C6    . U   A 1 10 ? -11.137 5.584   3.182   1.00 38.82 ? 10 U   A C6    1 
ATOM   212 P P     . C   A 1 11 ? -15.618 6.909   6.140   1.00 31.40 ? 11 C   A P     1 
ATOM   213 O OP1   . C   A 1 11 ? -17.040 6.814   5.768   1.00 27.75 ? 11 C   A OP1   1 
ATOM   214 O OP2   . C   A 1 11 ? -14.819 8.105   5.820   1.00 35.33 ? 11 C   A OP2   1 
ATOM   215 O "O5'" . C   A 1 11 ? -15.440 6.518   7.650   1.00 34.13 ? 11 C   A "O5'" 1 
ATOM   216 C "C5'" . C   A 1 11 ? -16.123 5.335   8.062   1.00 27.57 ? 11 C   A "C5'" 1 
ATOM   217 C "C4'" . C   A 1 11 ? -15.198 4.263   8.634   1.00 23.33 ? 11 C   A "C4'" 1 
ATOM   218 O "O4'" . C   A 1 11 ? -14.078 3.848   7.845   1.00 24.86 ? 11 C   A "O4'" 1 
ATOM   219 C "C3'" . C   A 1 11 ? -14.632 4.690   9.881   1.00 18.43 ? 11 C   A "C3'" 1 
ATOM   220 O "O3'" . C   A 1 11 ? -15.635 4.639   10.836  1.00 11.90 ? 11 C   A "O3'" 1 
ATOM   221 C "C2'" . C   A 1 11 ? -13.544 3.650   10.088  1.00 20.77 ? 11 C   A "C2'" 1 
ATOM   222 O "O2'" . C   A 1 11 ? -14.121 2.378   10.468  1.00 24.76 ? 11 C   A "O2'" 1 
ATOM   223 C "C1'" . C   A 1 11 ? -12.981 3.487   8.719   1.00 20.73 ? 11 C   A "C1'" 1 
ATOM   224 N N1    . C   A 1 11 ? -11.687 4.246   8.443   1.00 24.30 ? 11 C   A N1    1 
ATOM   225 C C2    . C   A 1 11 ? -10.574 4.054   9.291   1.00 26.31 ? 11 C   A C2    1 
ATOM   226 O O2    . C   A 1 11 ? -10.603 3.299   10.258  1.00 28.20 ? 11 C   A O2    1 
ATOM   227 N N3    . C   A 1 11 ? -9.441  4.733   9.043   1.00 21.60 ? 11 C   A N3    1 
ATOM   228 C C4    . C   A 1 11 ? -9.352  5.532   8.030   1.00 17.85 ? 11 C   A C4    1 
ATOM   229 N N4    . C   A 1 11 ? -8.206  6.170   7.823   1.00 22.57 ? 11 C   A N4    1 
ATOM   230 C C5    . C   A 1 11 ? -10.452 5.757   7.164   1.00 19.65 ? 11 C   A C5    1 
ATOM   231 C C6    . C   A 1 11 ? -11.601 5.093   7.412   1.00 17.55 ? 11 C   A C6    1 
ATOM   232 P P     . C   A 1 12 ? -15.374 5.488   12.146  1.00 28.30 ? 12 C   A P     1 
ATOM   233 O OP1   . C   A 1 12 ? -16.690 4.932   12.556  1.00 33.35 ? 12 C   A OP1   1 
ATOM   234 O OP2   . C   A 1 12 ? -15.188 6.975   12.025  1.00 29.67 ? 12 C   A OP2   1 
ATOM   235 O "O5'" . C   A 1 12 ? -14.207 4.793   13.078  1.00 18.22 ? 12 C   A "O5'" 1 
ATOM   236 C "C5'" . C   A 1 12 ? -14.472 3.509   13.655  1.00 19.19 ? 12 C   A "C5'" 1 
ATOM   237 C "C4'" . C   A 1 12 ? -13.204 2.763   14.062  1.00 16.84 ? 12 C   A "C4'" 1 
ATOM   238 O "O4'" . C   A 1 12 ? -12.223 3.253   13.178  1.00 11.07 ? 12 C   A "O4'" 1 
ATOM   239 C "C3'" . C   A 1 12 ? -12.683 3.065   15.528  1.00 14.07 ? 12 C   A "C3'" 1 
ATOM   240 O "O3'" . C   A 1 12 ? -12.242 1.846   16.165  1.00 14.51 ? 12 C   A "O3'" 1 
ATOM   241 C "C2'" . C   A 1 12 ? -11.505 3.995   15.261  1.00 11.82 ? 12 C   A "C2'" 1 
ATOM   242 O "O2'" . C   A 1 12 ? -10.370 3.857   16.125  1.00 15.86 ? 12 C   A "O2'" 1 
ATOM   243 C "C1'" . C   A 1 12 ? -11.098 3.630   13.892  1.00 11.03 ? 12 C   A "C1'" 1 
ATOM   244 N N1    . C   A 1 12 ? -10.374 4.653   13.178  1.00 14.76 ? 12 C   A N1    1 
ATOM   245 C C2    . C   A 1 12 ? -9.002  4.615   13.258  1.00 18.40 ? 12 C   A C2    1 
ATOM   246 O O2    . C   A 1 12 ? -8.433  3.734   13.920  1.00 25.61 ? 12 C   A O2    1 
ATOM   247 N N3    . C   A 1 12 ? -8.274  5.569   12.608  1.00 18.98 ? 12 C   A N3    1 
ATOM   248 C C4    . C   A 1 12 ? -8.866  6.509   11.903  1.00 18.49 ? 12 C   A C4    1 
ATOM   249 N N4    . C   A 1 12 ? -8.109  7.404   11.282  1.00 21.03 ? 12 C   A N4    1 
ATOM   250 C C5    . C   A 1 12 ? -10.294 6.562   11.797  1.00 21.88 ? 12 C   A C5    1 
ATOM   251 C C6    . C   A 1 12 ? -11.014 5.627   12.464  1.00 21.03 ? 12 C   A C6    1 
ATOM   252 O "O5'" . G   B 1 1  ? 1.821   8.053   11.838  1.00 39.75 ? 13 G   B "O5'" 1 
ATOM   253 C "C5'" . G   B 1 1  ? 2.743   7.285   12.622  1.00 43.71 ? 13 G   B "C5'" 1 
ATOM   254 C "C4'" . G   B 1 1  ? 2.053   6.411   13.670  1.00 40.40 ? 13 G   B "C4'" 1 
ATOM   255 O "O4'" . G   B 1 1  ? 1.088   7.158   14.409  1.00 40.62 ? 13 G   B "O4'" 1 
ATOM   256 C "C3'" . G   B 1 1  ? 1.264   5.295   13.047  1.00 41.77 ? 13 G   B "C3'" 1 
ATOM   257 O "O3'" . G   B 1 1  ? 2.030   4.175   12.638  1.00 42.05 ? 13 G   B "O3'" 1 
ATOM   258 C "C2'" . G   B 1 1  ? 0.281   4.941   14.111  1.00 41.91 ? 13 G   B "C2'" 1 
ATOM   259 O "O2'" . G   B 1 1  ? 0.906   4.110   15.097  1.00 40.90 ? 13 G   B "O2'" 1 
ATOM   260 C "C1'" . G   B 1 1  ? -0.074  6.334   14.636  1.00 41.46 ? 13 G   B "C1'" 1 
ATOM   261 N N9    . G   B 1 1  ? -1.159  6.855   13.814  1.00 40.04 ? 13 G   B N9    1 
ATOM   262 C C8    . G   B 1 1  ? -1.114  7.833   12.873  1.00 41.84 ? 13 G   B C8    1 
ATOM   263 N N7    . G   B 1 1  ? -2.251  8.062   12.288  1.00 43.72 ? 13 G   B N7    1 
ATOM   264 C C5    . G   B 1 1  ? -3.110  7.165   12.875  1.00 42.14 ? 13 G   B C5    1 
ATOM   265 C C6    . G   B 1 1  ? -4.466  6.959   12.638  1.00 41.72 ? 13 G   B C6    1 
ATOM   266 O O6    . G   B 1 1  ? -5.195  7.524   11.848  1.00 43.93 ? 13 G   B O6    1 
ATOM   267 N N1    . G   B 1 1  ? -4.981  5.964   13.434  1.00 43.30 ? 13 G   B N1    1 
ATOM   268 C C2    . G   B 1 1  ? -4.264  5.239   14.356  1.00 47.30 ? 13 G   B C2    1 
ATOM   269 N N2    . G   B 1 1  ? -4.935  4.307   15.008  1.00 50.84 ? 13 G   B N2    1 
ATOM   270 N N3    . G   B 1 1  ? -2.962  5.427   14.593  1.00 46.61 ? 13 G   B N3    1 
ATOM   271 C C4    . G   B 1 1  ? -2.456  6.415   13.815  1.00 44.06 ? 13 G   B C4    1 
ATOM   272 P P     . G   B 1 2  ? 1.642   3.370   11.307  1.00 36.13 ? 14 G   B P     1 
ATOM   273 O OP1   . G   B 1 2  ? 2.606   2.325   10.910  1.00 34.33 ? 14 G   B OP1   1 
ATOM   274 O OP2   . G   B 1 2  ? 0.968   4.166   10.278  1.00 34.03 ? 14 G   B OP2   1 
ATOM   275 O "O5'" . G   B 1 2  ? 0.541   2.695   12.212  1.00 30.42 ? 14 G   B "O5'" 1 
ATOM   276 C "C5'" . G   B 1 2  ? -0.059  1.540   11.686  1.00 36.48 ? 14 G   B "C5'" 1 
ATOM   277 C "C4'" . G   B 1 2  ? -1.020  0.897   12.653  1.00 35.45 ? 14 G   B "C4'" 1 
ATOM   278 O "O4'" . G   B 1 2  ? -1.773  1.930   13.317  1.00 36.30 ? 14 G   B "O4'" 1 
ATOM   279 C "C3'" . G   B 1 2  ? -2.009  0.182   11.782  1.00 31.77 ? 14 G   B "C3'" 1 
ATOM   280 O "O3'" . G   B 1 2  ? -1.602  -1.091  11.407  1.00 34.09 ? 14 G   B "O3'" 1 
ATOM   281 C "C2'" . G   B 1 2  ? -3.238  0.238   12.567  1.00 33.62 ? 14 G   B "C2'" 1 
ATOM   282 O "O2'" . G   B 1 2  ? -3.150  -0.659  13.696  1.00 23.51 ? 14 G   B "O2'" 1 
ATOM   283 C "C1'" . G   B 1 2  ? -3.167  1.664   13.089  1.00 36.09 ? 14 G   B "C1'" 1 
ATOM   284 N N9    . G   B 1 2  ? -3.619  2.702   12.124  1.00 38.25 ? 14 G   B N9    1 
ATOM   285 C C8    . G   B 1 2  ? -2.874  3.757   11.676  1.00 39.70 ? 14 G   B C8    1 
ATOM   286 N N7    . G   B 1 2  ? -3.480  4.566   10.891  1.00 40.45 ? 14 G   B N7    1 
ATOM   287 C C5    . G   B 1 2  ? -4.740  4.026   10.799  1.00 39.81 ? 14 G   B C5    1 
ATOM   288 C C6    . G   B 1 2  ? -5.811  4.504   10.066  1.00 39.96 ? 14 G   B C6    1 
ATOM   289 O O6    . G   B 1 2  ? -5.836  5.504   9.371   1.00 38.37 ? 14 G   B O6    1 
ATOM   290 N N1    . G   B 1 2  ? -6.941  3.710   10.214  1.00 41.26 ? 14 G   B N1    1 
ATOM   291 C C2    . G   B 1 2  ? -7.016  2.578   10.980  1.00 40.36 ? 14 G   B C2    1 
ATOM   292 N N2    . G   B 1 2  ? -8.191  1.946   10.964  1.00 40.91 ? 14 G   B N2    1 
ATOM   293 N N3    . G   B 1 2  ? -5.974  2.102   11.691  1.00 42.03 ? 14 G   B N3    1 
ATOM   294 C C4    . G   B 1 2  ? -4.867  2.890   11.555  1.00 40.49 ? 14 G   B C4    1 
ATOM   295 P P     . A   B 1 3  ? -1.554  -1.530  9.878   1.00 30.00 ? 15 A   B P     1 
ATOM   296 O OP1   . A   B 1 3  ? -0.793  -2.790  9.714   1.00 35.71 ? 15 A   B OP1   1 
ATOM   297 O OP2   . A   B 1 3  ? -1.295  -0.365  8.975   1.00 30.60 ? 15 A   B OP2   1 
ATOM   298 O "O5'" . A   B 1 3  ? -3.161  -1.873  9.907   1.00 23.66 ? 15 A   B "O5'" 1 
ATOM   299 C "C5'" . A   B 1 3  ? -3.678  -3.086  10.483  1.00 25.21 ? 15 A   B "C5'" 1 
ATOM   300 C "C4'" . A   B 1 3  ? -5.129  -3.413  9.987   1.00 21.65 ? 15 A   B "C4'" 1 
ATOM   301 O "O4'" . A   B 1 3  ? -6.025  -2.307  10.309  1.00 19.88 ? 15 A   B "O4'" 1 
ATOM   302 C "C3'" . A   B 1 3  ? -4.998  -3.446  8.512   1.00 18.34 ? 15 A   B "C3'" 1 
ATOM   303 O "O3'" . A   B 1 3  ? -4.946  -4.773  8.096   1.00 19.09 ? 15 A   B "O3'" 1 
ATOM   304 C "C2'" . A   B 1 3  ? -6.179  -2.690  8.004   1.00 20.47 ? 15 A   B "C2'" 1 
ATOM   305 O "O2'" . A   B 1 3  ? -7.274  -3.316  7.324   1.00 15.05 ? 15 A   B "O2'" 1 
ATOM   306 C "C1'" . A   B 1 3  ? -6.618  -1.847  9.129   1.00 21.19 ? 15 A   B "C1'" 1 
ATOM   307 N N9    . A   B 1 3  ? -6.245  -0.512  8.781   1.00 22.08 ? 15 A   B N9    1 
ATOM   308 C C8    . A   B 1 3  ? -5.152  0.212   9.117   1.00 20.74 ? 15 A   B C8    1 
ATOM   309 N N7    . A   B 1 3  ? -5.158  1.405   8.592   1.00 31.26 ? 15 A   B N7    1 
ATOM   310 C C5    . A   B 1 3  ? -6.324  1.431   7.849   1.00 29.57 ? 15 A   B C5    1 
ATOM   311 C C6    . A   B 1 3  ? -6.892  2.408   7.092   1.00 32.19 ? 15 A   B C6    1 
ATOM   312 N N6    . A   B 1 3  ? -6.313  3.574   6.921   1.00 37.79 ? 15 A   B N6    1 
ATOM   313 N N1    . A   B 1 3  ? -8.059  2.112   6.501   1.00 34.75 ? 15 A   B N1    1 
ATOM   314 C C2    . A   B 1 3  ? -8.613  0.928   6.673   1.00 28.04 ? 15 A   B C2    1 
ATOM   315 N N3    . A   B 1 3  ? -8.147  -0.069  7.361   1.00 25.31 ? 15 A   B N3    1 
ATOM   316 C C4    . A   B 1 3  ? -6.981  0.282   7.946   1.00 25.64 ? 15 A   B C4    1 
ATOM   317 P P     . C   B 1 4  ? -4.793  -4.969  6.559   1.00 9.64  ? 16 C   B P     1 
ATOM   318 O OP1   . C   B 1 4  ? -4.682  -6.388  6.867   1.00 2.90  ? 16 C   B OP1   1 
ATOM   319 O OP2   . C   B 1 4  ? -3.666  -4.109  6.154   1.00 13.03 ? 16 C   B OP2   1 
ATOM   320 O "O5'" . C   B 1 4  ? -5.987  -4.762  5.505   1.00 5.26  ? 16 C   B "O5'" 1 
ATOM   321 C "C5'" . C   B 1 4  ? -7.182  -5.654  5.632   1.00 8.25  ? 16 C   B "C5'" 1 
ATOM   322 C "C4'" . C   B 1 4  ? -8.152  -5.255  4.618   1.00 7.84  ? 16 C   B "C4'" 1 
ATOM   323 O "O4'" . C   B 1 4  ? -8.738  -4.040  5.138   1.00 2.00  ? 16 C   B "O4'" 1 
ATOM   324 C "C3'" . C   B 1 4  ? -7.264  -4.856  3.380   1.00 3.77  ? 16 C   B "C3'" 1 
ATOM   325 O "O3'" . C   B 1 4  ? -6.812  -5.880  2.495   1.00 6.20  ? 16 C   B "O3'" 1 
ATOM   326 C "C2'" . C   B 1 4  ? -8.135  -3.791  2.720   1.00 2.00  ? 16 C   B "C2'" 1 
ATOM   327 O "O2'" . C   B 1 4  ? -9.236  -4.411  2.059   1.00 2.00  ? 16 C   B "O2'" 1 
ATOM   328 C "C1'" . C   B 1 4  ? -8.693  -3.037  4.056   1.00 3.05  ? 16 C   B "C1'" 1 
ATOM   329 N N1    . C   B 1 4  ? -7.801  -1.865  4.162   1.00 2.78  ? 16 C   B N1    1 
ATOM   330 C C2    . C   B 1 4  ? -8.251  -0.647  3.682   1.00 10.61 ? 16 C   B C2    1 
ATOM   331 O O2    . C   B 1 4  ? -9.400  -0.527  3.184   1.00 18.19 ? 16 C   B O2    1 
ATOM   332 N N3    . C   B 1 4  ? -7.481  0.434   3.816   1.00 11.48 ? 16 C   B N3    1 
ATOM   333 C C4    . C   B 1 4  ? -6.292  0.382   4.378   1.00 17.63 ? 16 C   B C4    1 
ATOM   334 N N4    . C   B 1 4  ? -5.581  1.501   4.474   1.00 19.49 ? 16 C   B N4    1 
ATOM   335 C C5    . C   B 1 4  ? -5.794  -0.862  4.855   1.00 10.06 ? 16 C   B C5    1 
ATOM   336 C C6    . C   B 1 4  ? -6.576  -1.907  4.742   1.00 2.00  ? 16 C   B C6    1 
ATOM   337 P P     . U   B 1 5  ? -6.483  -5.662  1.010   1.00 9.81  ? 17 U   B P     1 
ATOM   338 O OP1   . U   B 1 5  ? -7.217  -6.935  1.009   1.00 5.22  ? 17 U   B OP1   1 
ATOM   339 O OP2   . U   B 1 5  ? -5.027  -5.628  1.375   1.00 13.08 ? 17 U   B OP2   1 
ATOM   340 O "O5'" . U   B 1 5  ? -6.683  -4.909  -0.426  1.00 9.21  ? 17 U   B "O5'" 1 
ATOM   341 C "C5'" . U   B 1 5  ? -7.836  -5.063  -1.138  1.00 10.42 ? 17 U   B "C5'" 1 
ATOM   342 C "C4'" . U   B 1 5  ? -8.431  -3.720  -1.527  1.00 8.20  ? 17 U   B "C4'" 1 
ATOM   343 O "O4'" . U   B 1 5  ? -8.709  -2.994  -0.398  1.00 6.46  ? 17 U   B "O4'" 1 
ATOM   344 C "C3'" . U   B 1 5  ? -7.394  -2.877  -2.195  1.00 12.31 ? 17 U   B "C3'" 1 
ATOM   345 O "O3'" . U   B 1 5  ? -7.440  -3.155  -3.556  1.00 20.77 ? 17 U   B "O3'" 1 
ATOM   346 C "C2'" . U   B 1 5  ? -7.818  -1.587  -2.038  1.00 15.42 ? 17 U   B "C2'" 1 
ATOM   347 O "O2'" . U   B 1 5  ? -8.912  -1.109  -2.911  1.00 17.25 ? 17 U   B "O2'" 1 
ATOM   348 C "C1'" . U   B 1 5  ? -8.254  -1.722  -0.609  1.00 12.89 ? 17 U   B "C1'" 1 
ATOM   349 N N1    . U   B 1 5  ? -7.132  -1.331  0.163   1.00 11.81 ? 17 U   B N1    1 
ATOM   350 C C2    . U   B 1 5  ? -6.787  0.027   0.095   1.00 8.93  ? 17 U   B C2    1 
ATOM   351 O O2    . U   B 1 5  ? -7.369  0.915   -0.572  1.00 13.52 ? 17 U   B O2    1 
ATOM   352 N N3    . U   B 1 5  ? -5.680  0.431   0.746   1.00 10.97 ? 17 U   B N3    1 
ATOM   353 C C4    . U   B 1 5  ? -4.865  -0.339  1.505   1.00 3.32  ? 17 U   B C4    1 
ATOM   354 O O4    . U   B 1 5  ? -3.962  0.184   2.041   1.00 5.84  ? 17 U   B O4    1 
ATOM   355 C C5    . U   B 1 5  ? -5.246  -1.732  1.499   1.00 6.91  ? 17 U   B C5    1 
ATOM   356 C C6    . U   B 1 5  ? -6.346  -2.209  0.846   1.00 6.76  ? 17 U   B C6    1 
ATOM   357 P P     . U   B 1 6  ? -6.174  -3.543  -4.310  1.00 22.83 ? 18 U   B P     1 
ATOM   358 O OP1   . U   B 1 6  ? -6.650  -4.947  -4.111  1.00 21.09 ? 18 U   B OP1   1 
ATOM   359 O OP2   . U   B 1 6  ? -4.939  -3.291  -5.071  1.00 31.22 ? 18 U   B OP2   1 
ATOM   360 O "O5'" . U   B 1 6  ? -7.375  -2.689  -5.044  1.00 31.50 ? 18 U   B "O5'" 1 
ATOM   361 C "C5'" . U   B 1 6  ? -7.078  -1.867  -6.192  1.00 33.48 ? 18 U   B "C5'" 1 
ATOM   362 C "C4'" . U   B 1 6  ? -6.673  -0.416  -5.860  1.00 33.49 ? 18 U   B "C4'" 1 
ATOM   363 O "O4'" . U   B 1 6  ? -6.411  -0.200  -4.472  1.00 26.45 ? 18 U   B "O4'" 1 
ATOM   364 C "C3'" . U   B 1 6  ? -5.315  -0.011  -6.446  1.00 35.09 ? 18 U   B "C3'" 1 
ATOM   365 O "O3'" . U   B 1 6  ? -5.242  0.044   -7.876  1.00 41.41 ? 18 U   B "O3'" 1 
ATOM   366 C "C2'" . U   B 1 6  ? -5.127  1.310   -5.775  1.00 31.42 ? 18 U   B "C2'" 1 
ATOM   367 O "O2'" . U   B 1 6  ? -6.072  2.336   -6.182  1.00 28.90 ? 18 U   B "O2'" 1 
ATOM   368 C "C1'" . U   B 1 6  ? -5.520  0.917   -4.413  1.00 29.60 ? 18 U   B "C1'" 1 
ATOM   369 N N1    . U   B 1 6  ? -4.418  0.826   -3.427  1.00 30.23 ? 18 U   B N1    1 
ATOM   370 C C2    . U   B 1 6  ? -3.574  1.941   -3.302  1.00 26.08 ? 18 U   B C2    1 
ATOM   371 O O2    . U   B 1 6  ? -3.680  2.962   -3.941  1.00 15.12 ? 18 U   B O2    1 
ATOM   372 N N3    . U   B 1 6  ? -2.568  1.803   -2.372  1.00 28.70 ? 18 U   B N3    1 
ATOM   373 C C4    . U   B 1 6  ? -2.327  0.713   -1.570  1.00 24.67 ? 18 U   B C4    1 
ATOM   374 O O4    . U   B 1 6  ? -1.390  0.744   -0.786  1.00 28.33 ? 18 U   B O4    1 
ATOM   375 C C5    . U   B 1 6  ? -3.236  -0.396  -1.736  1.00 24.15 ? 18 U   B C5    1 
ATOM   376 C C6    . U   B 1 6  ? -4.236  -0.315  -2.642  1.00 30.89 ? 18 U   B C6    1 
ATOM   377 P P     . U   B 1 7  ? -3.913  -0.532  -8.664  1.00 48.18 ? 19 U   B P     1 
ATOM   378 O OP1   . U   B 1 7  ? -5.212  -0.641  -9.363  1.00 46.72 ? 19 U   B OP1   1 
ATOM   379 O OP2   . U   B 1 7  ? -2.818  -1.493  -8.978  1.00 43.75 ? 19 U   B OP2   1 
ATOM   380 O "O5'" . U   B 1 7  ? -3.365  1.041   -8.690  1.00 41.53 ? 19 U   B "O5'" 1 
ATOM   381 C "C5'" . U   B 1 7  ? -3.902  2.061   -9.557  1.00 42.84 ? 19 U   B "C5'" 1 
ATOM   382 C "C4'" . U   B 1 7  ? -3.054  3.364   -9.616  1.00 44.77 ? 19 U   B "C4'" 1 
ATOM   383 O "O4'" . U   B 1 7  ? -2.990  4.057   -8.341  1.00 45.95 ? 19 U   B "O4'" 1 
ATOM   384 C "C3'" . U   B 1 7  ? -1.608  3.090   -9.957  1.00 45.01 ? 19 U   B "C3'" 1 
ATOM   385 O "O3'" . U   B 1 7  ? -1.296  2.760   -11.332 1.00 51.01 ? 19 U   B "O3'" 1 
ATOM   386 C "C2'" . U   B 1 7  ? -0.877  4.271   -9.387  1.00 41.94 ? 19 U   B "C2'" 1 
ATOM   387 O "O2'" . U   B 1 7  ? -0.963  5.403   -10.249 1.00 41.10 ? 19 U   B "O2'" 1 
ATOM   388 C "C1'" . U   B 1 7  ? -1.624  4.506   -8.078  1.00 42.99 ? 19 U   B "C1'" 1 
ATOM   389 N N1    . U   B 1 7  ? -0.981  3.759   -6.918  1.00 42.48 ? 19 U   B N1    1 
ATOM   390 C C2    . U   B 1 7  ? -0.077  4.417   -6.085  1.00 43.35 ? 19 U   B C2    1 
ATOM   391 O O2    . U   B 1 7  ? 0.240   5.589   -6.250  1.00 42.22 ? 19 U   B O2    1 
ATOM   392 N N3    . U   B 1 7  ? 0.474   3.662   -5.044  1.00 44.66 ? 19 U   B N3    1 
ATOM   393 C C4    . U   B 1 7  ? 0.193   2.321   -4.776  1.00 43.50 ? 19 U   B C4    1 
ATOM   394 O O4    . U   B 1 7  ? 0.722   1.728   -3.842  1.00 38.83 ? 19 U   B O4    1 
ATOM   395 C C5    . U   B 1 7  ? -0.744  1.733   -5.688  1.00 44.32 ? 19 U   B C5    1 
ATOM   396 C C6    . U   B 1 7  ? -1.292  2.447   -6.691  1.00 42.93 ? 19 U   B C6    1 
ATOM   397 P P     . G   B 1 8  ? -0.125  1.625   -11.635 1.00 58.57 ? 20 G   B P     1 
ATOM   398 O OP1   . G   B 1 8  ? 0.028   1.311   -13.080 1.00 55.45 ? 20 G   B OP1   1 
ATOM   399 O OP2   . G   B 1 8  ? -0.175  0.499   -10.656 1.00 60.09 ? 20 G   B OP2   1 
ATOM   400 O "O5'" . G   B 1 8  ? 1.097   2.569   -11.219 1.00 54.77 ? 20 G   B "O5'" 1 
ATOM   401 C "C5'" . G   B 1 8  ? 1.636   3.457   -12.204 1.00 49.59 ? 20 G   B "C5'" 1 
ATOM   402 C "C4'" . G   B 1 8  ? 2.968   4.051   -11.774 1.00 44.07 ? 20 G   B "C4'" 1 
ATOM   403 O "O4'" . G   B 1 8  ? 2.815   4.962   -10.612 1.00 42.20 ? 20 G   B "O4'" 1 
ATOM   404 C "C3'" . G   B 1 8  ? 4.022   2.966   -11.396 1.00 37.35 ? 20 G   B "C3'" 1 
ATOM   405 O "O3'" . G   B 1 8  ? 4.639   2.245   -12.531 1.00 32.23 ? 20 G   B "O3'" 1 
ATOM   406 C "C2'" . G   B 1 8  ? 4.928   3.886   -10.609 1.00 35.71 ? 20 G   B "C2'" 1 
ATOM   407 O "O2'" . G   B 1 8  ? 5.582   4.764   -11.541 1.00 28.90 ? 20 G   B "O2'" 1 
ATOM   408 C "C1'" . G   B 1 8  ? 3.923   4.704   -9.718  1.00 35.84 ? 20 G   B "C1'" 1 
ATOM   409 N N9    . G   B 1 8  ? 3.531   3.890   -8.504  1.00 34.92 ? 20 G   B N9    1 
ATOM   410 C C8    . G   B 1 8  ? 2.345   3.284   -8.214  1.00 33.24 ? 20 G   B C8    1 
ATOM   411 N N7    . G   B 1 8  ? 2.344   2.635   -7.087  1.00 31.64 ? 20 G   B N7    1 
ATOM   412 C C5    . G   B 1 8  ? 3.618   2.788   -6.601  1.00 29.92 ? 20 G   B C5    1 
ATOM   413 C C6    . G   B 1 8  ? 4.210   2.301   -5.429  1.00 30.81 ? 20 G   B C6    1 
ATOM   414 O O6    . G   B 1 8  ? 3.721   1.604   -4.534  1.00 33.04 ? 20 G   B O6    1 
ATOM   415 N N1    . G   B 1 8  ? 5.504   2.732   -5.313  1.00 32.09 ? 20 G   B N1    1 
ATOM   416 C C2    . G   B 1 8  ? 6.165   3.520   -6.221  1.00 29.49 ? 20 G   B C2    1 
ATOM   417 N N2    . G   B 1 8  ? 7.448   3.783   -5.975  1.00 29.37 ? 20 G   B N2    1 
ATOM   418 N N3    . G   B 1 8  ? 5.625   3.944   -7.331  1.00 29.68 ? 20 G   B N3    1 
ATOM   419 C C4    . G   B 1 8  ? 4.356   3.555   -7.458  1.00 32.05 ? 20 G   B C4    1 
ATOM   420 P P     . G   B 1 9  ? 6.158   1.551   -12.580 1.00 33.90 ? 21 G   B P     1 
ATOM   421 O OP1   . G   B 1 9  ? 6.082   2.449   -13.760 1.00 29.45 ? 21 G   B OP1   1 
ATOM   422 O OP2   . G   B 1 9  ? 6.479   0.116   -12.782 1.00 34.97 ? 21 G   B OP2   1 
ATOM   423 O "O5'" . G   B 1 9  ? 7.292   2.093   -11.560 1.00 33.38 ? 21 G   B "O5'" 1 
ATOM   424 C "C5'" . G   B 1 9  ? 8.277   3.094   -11.849 1.00 32.31 ? 21 G   B "C5'" 1 
ATOM   425 C "C4'" . G   B 1 9  ? 9.293   3.193   -10.706 1.00 31.22 ? 21 G   B "C4'" 1 
ATOM   426 O "O4'" . G   B 1 9  ? 8.616   3.511   -9.474  1.00 26.92 ? 21 G   B "O4'" 1 
ATOM   427 C "C3'" . G   B 1 9  ? 9.872   1.819   -10.496 1.00 24.36 ? 21 G   B "C3'" 1 
ATOM   428 O "O3'" . G   B 1 9  ? 11.051  1.577   -11.202 1.00 27.69 ? 21 G   B "O3'" 1 
ATOM   429 C "C2'" . G   B 1 9  ? 10.199  1.761   -9.102  1.00 23.20 ? 21 G   B "C2'" 1 
ATOM   430 O "O2'" . G   B 1 9  ? 11.447  2.423   -8.889  1.00 14.95 ? 21 G   B "O2'" 1 
ATOM   431 C "C1'" . G   B 1 9  ? 9.099   2.524   -8.516  1.00 26.49 ? 21 G   B "C1'" 1 
ATOM   432 N N9    . G   B 1 9  ? 8.020   1.647   -8.010  1.00 25.83 ? 21 G   B N9    1 
ATOM   433 C C8    . G   B 1 9  ? 6.823   1.307   -8.603  1.00 29.92 ? 21 G   B C8    1 
ATOM   434 N N7    . G   B 1 9  ? 6.061   0.568   -7.846  1.00 33.35 ? 21 G   B N7    1 
ATOM   435 C C5    . G   B 1 9  ? 6.804   0.409   -6.680  1.00 26.80 ? 21 G   B C5    1 
ATOM   436 C C6    . G   B 1 9  ? 6.503   -0.269  -5.497  1.00 25.63 ? 21 G   B C6    1 
ATOM   437 O O6    . G   B 1 9  ? 5.512   -0.933  -5.215  1.00 34.78 ? 21 G   B O6    1 
ATOM   438 N N1    . G   B 1 9  ? 7.486   -0.190  -4.603  1.00 20.67 ? 21 G   B N1    1 
ATOM   439 C C2    . G   B 1 9  ? 8.611   0.483   -4.779  1.00 21.65 ? 21 G   B C2    1 
ATOM   440 N N2    . G   B 1 9  ? 9.422   0.436   -3.761  1.00 21.76 ? 21 G   B N2    1 
ATOM   441 N N3    . G   B 1 9  ? 8.936   1.138   -5.875  1.00 27.66 ? 21 G   B N3    1 
ATOM   442 C C4    . G   B 1 9  ? 7.989   1.049   -6.783  1.00 25.04 ? 21 G   B C4    1 
ATOM   443 P P     . U   B 1 10 ? 11.447  0.023   -11.241 1.00 30.39 ? 22 U   B P     1 
ATOM   444 O OP1   . U   B 1 10 ? 12.512  0.578   -12.113 1.00 31.47 ? 22 U   B OP1   1 
ATOM   445 O OP2   . U   B 1 10 ? 10.453  -0.949  -11.775 1.00 24.84 ? 22 U   B OP2   1 
ATOM   446 O "O5'" . U   B 1 10 ? 12.070  -0.548  -9.947  1.00 23.04 ? 22 U   B "O5'" 1 
ATOM   447 C "C5'" . U   B 1 10 ? 13.354  -0.085  -9.631  1.00 24.49 ? 22 U   B "C5'" 1 
ATOM   448 C "C4'" . U   B 1 10 ? 13.716  -0.563  -8.326  1.00 25.36 ? 22 U   B "C4'" 1 
ATOM   449 O "O4'" . U   B 1 10 ? 12.714  -0.223  -7.369  1.00 28.47 ? 22 U   B "O4'" 1 
ATOM   450 C "C3'" . U   B 1 10 ? 13.699  -1.998  -8.405  1.00 25.88 ? 22 U   B "C3'" 1 
ATOM   451 O "O3'" . U   B 1 10 ? 14.916  -2.440  -8.962  1.00 29.60 ? 22 U   B "O3'" 1 
ATOM   452 C "C2'" . U   B 1 10 ? 13.350  -2.481  -6.986  1.00 23.46 ? 22 U   B "C2'" 1 
ATOM   453 O "O2'" . U   B 1 10 ? 14.424  -2.673  -6.093  1.00 16.42 ? 22 U   B "O2'" 1 
ATOM   454 C "C1'" . U   B 1 10 ? 12.477  -1.348  -6.517  1.00 25.22 ? 22 U   B "C1'" 1 
ATOM   455 N N1    . U   B 1 10 ? 11.099  -1.765  -6.512  1.00 23.18 ? 22 U   B N1    1 
ATOM   456 C C2    . U   B 1 10 ? 10.606  -2.289  -5.322  1.00 24.48 ? 22 U   B C2    1 
ATOM   457 O O2    . U   B 1 10 ? 11.302  -2.371  -4.311  1.00 16.29 ? 22 U   B O2    1 
ATOM   458 N N3    . U   B 1 10 ? 9.295   -2.721  -5.340  1.00 22.69 ? 22 U   B N3    1 
ATOM   459 C C4    . U   B 1 10 ? 8.457   -2.630  -6.420  1.00 23.47 ? 22 U   B C4    1 
ATOM   460 O O4    . U   B 1 10 ? 7.311   -3.032  -6.323  1.00 24.63 ? 22 U   B O4    1 
ATOM   461 C C5    . U   B 1 10 ? 9.063   -2.086  -7.619  1.00 26.96 ? 22 U   B C5    1 
ATOM   462 C C6    . U   B 1 10 ? 10.341  -1.683  -7.621  1.00 22.47 ? 22 U   B C6    1 
ATOM   463 P P     . C   B 1 11 ? 15.175  -4.015  -9.054  1.00 34.80 ? 23 C   B P     1 
ATOM   464 O OP1   . C   B 1 11 ? 16.422  -3.417  -8.533  1.00 40.66 ? 23 C   B OP1   1 
ATOM   465 O OP2   . C   B 1 11 ? 14.964  -4.102  -10.509 1.00 43.83 ? 23 C   B OP2   1 
ATOM   466 O "O5'" . C   B 1 11 ? 15.023  -5.453  -8.408  1.00 32.93 ? 23 C   B "O5'" 1 
ATOM   467 C "C5'" . C   B 1 11 ? 15.915  -5.745  -7.365  1.00 31.60 ? 23 C   B "C5'" 1 
ATOM   468 C "C4'" . C   B 1 11 ? 15.209  -6.197  -6.144  1.00 33.87 ? 23 C   B "C4'" 1 
ATOM   469 O "O4'" . C   B 1 11 ? 14.009  -5.491  -5.830  1.00 37.49 ? 23 C   B "O4'" 1 
ATOM   470 C "C3'" . C   B 1 11 ? 14.815  -7.593  -6.278  1.00 35.74 ? 23 C   B "C3'" 1 
ATOM   471 O "O3'" . C   B 1 11 ? 15.984  -8.436  -6.300  1.00 36.28 ? 23 C   B "O3'" 1 
ATOM   472 C "C2'" . C   B 1 11 ? 13.835  -7.755  -5.125  1.00 37.86 ? 23 C   B "C2'" 1 
ATOM   473 O "O2'" . C   B 1 11 ? 14.493  -7.780  -3.846  1.00 31.88 ? 23 C   B "O2'" 1 
ATOM   474 C "C1'" . C   B 1 11 ? 13.079  -6.424  -5.215  1.00 38.17 ? 23 C   B "C1'" 1 
ATOM   475 N N1    . C   B 1 11 ? 11.698  -6.425  -5.859  1.00 40.16 ? 23 C   B N1    1 
ATOM   476 C C2    . C   B 1 11 ? 10.733  -7.407  -5.527  1.00 42.06 ? 23 C   B C2    1 
ATOM   477 O O2    . C   B 1 11 ? 10.942  -8.308  -4.732  1.00 45.24 ? 23 C   B O2    1 
ATOM   478 N N3    . C   B 1 11 ? 9.517   -7.338  -6.108  1.00 41.65 ? 23 C   B N3    1 
ATOM   479 C C4    . C   B 1 11 ? 9.198   -6.359  -6.943  1.00 41.34 ? 23 C   B C4    1 
ATOM   480 N N4    . C   B 1 11 ? 7.984   -6.331  -7.465  1.00 38.66 ? 23 C   B N4    1 
ATOM   481 C C5    . C   B 1 11 ? 10.142  -5.353  -7.287  1.00 42.53 ? 23 C   B C5    1 
ATOM   482 C C6    . C   B 1 11 ? 11.365  -5.422  -6.713  1.00 41.82 ? 23 C   B C6    1 
ATOM   483 P P     . C   B 1 12 ? 16.114  -9.731  -7.293  1.00 33.42 ? 24 C   B P     1 
ATOM   484 O OP1   . C   B 1 12 ? 17.513  -10.195 -7.415  1.00 28.50 ? 24 C   B OP1   1 
ATOM   485 O OP2   . C   B 1 12 ? 15.399  -9.216  -8.486  1.00 29.37 ? 24 C   B OP2   1 
ATOM   486 O "O5'" . C   B 1 12 ? 15.233  -10.958 -6.706  1.00 28.03 ? 24 C   B "O5'" 1 
ATOM   487 C "C5'" . C   B 1 12 ? 15.510  -11.473 -5.424  1.00 26.40 ? 24 C   B "C5'" 1 
ATOM   488 C "C4'" . C   B 1 12 ? 14.274  -12.091 -4.803  1.00 27.51 ? 24 C   B "C4'" 1 
ATOM   489 O "O4'" . C   B 1 12 ? 13.169  -11.226 -4.942  1.00 28.51 ? 24 C   B "O4'" 1 
ATOM   490 C "C3'" . C   B 1 12 ? 13.845  -13.298 -5.536  1.00 28.73 ? 24 C   B "C3'" 1 
ATOM   491 O "O3'" . C   B 1 12 ? 14.573  -14.461 -5.144  1.00 25.98 ? 24 C   B "O3'" 1 
ATOM   492 C "C2'" . C   B 1 12 ? 12.374  -13.431 -5.295  1.00 27.90 ? 24 C   B "C2'" 1 
ATOM   493 O "O2'" . C   B 1 12 ? 12.117  -14.030 -4.034  1.00 36.06 ? 24 C   B "O2'" 1 
ATOM   494 C "C1'" . C   B 1 12 ? 11.973  -12.007 -5.174  1.00 28.60 ? 24 C   B "C1'" 1 
ATOM   495 N N1    . C   B 1 12 ? 11.187  -11.426 -6.306  1.00 27.71 ? 24 C   B N1    1 
ATOM   496 C C2    . C   B 1 12 ? 9.783   -11.331 -6.170  1.00 26.11 ? 24 C   B C2    1 
ATOM   497 O O2    . C   B 1 12 ? 9.162   -11.780 -5.221  1.00 19.61 ? 24 C   B O2    1 
ATOM   498 N N3    . C   B 1 12 ? 9.113   -10.745 -7.159  1.00 28.04 ? 24 C   B N3    1 
ATOM   499 C C4    . C   B 1 12 ? 9.745   -10.261 -8.230  1.00 27.73 ? 24 C   B C4    1 
ATOM   500 N N4    . C   B 1 12 ? 9.012   -9.705  -9.178  1.00 32.50 ? 24 C   B N4    1 
ATOM   501 C C5    . C   B 1 12 ? 11.154  -10.325 -8.384  1.00 22.73 ? 24 C   B C5    1 
ATOM   502 C C6    . C   B 1 12 ? 11.835  -10.902 -7.392  1.00 22.79 ? 24 C   B C6    1 
HETATM 503 O O     . HOH C 2 .  ? -11.005 2.417   18.468  1.00 16.34 ? 25 HOH A O     1 
HETATM 504 O O     . HOH C 2 .  ? 3.505   -7.721  -6.699  1.00 18.73 ? 27 HOH A O     1 
HETATM 505 O O     . HOH C 2 .  ? -1.649  -15.110 -2.072  1.00 61.45 ? 29 HOH A O     1 
HETATM 506 O O     . HOH C 2 .  ? -8.468  10.907  -3.149  1.00 35.56 ? 31 HOH A O     1 
HETATM 507 O O     . HOH C 2 .  ? -3.618  9.630   2.007   1.00 16.09 ? 32 HOH A O     1 
HETATM 508 O O     . HOH C 2 .  ? -0.095  10.701  0.931   1.00 20.81 ? 33 HOH A O     1 
HETATM 509 O O     . HOH C 2 .  ? 5.218   1.665   8.211   1.00 24.79 ? 35 HOH A O     1 
HETATM 510 O O     . HOH C 2 .  ? -14.396 11.709  -1.439  1.00 11.90 ? 36 HOH A O     1 
HETATM 511 O O     . HOH C 2 .  ? -8.511  5.944   -4.094  1.00 3.63  ? 37 HOH A O     1 
HETATM 512 O O     . HOH C 2 .  ? 3.816   -4.009  2.387   1.00 2.00  ? 39 HOH A O     1 
HETATM 513 O O     . HOH C 2 .  ? 0.967   -8.140  -8.547  1.00 8.56  ? 41 HOH A O     1 
HETATM 514 O O     . HOH C 2 .  ? -8.489  11.444  2.567   1.00 25.71 ? 45 HOH A O     1 
HETATM 515 O O     . HOH C 2 .  ? 7.921   6.455   5.499   1.00 11.19 ? 47 HOH A O     1 
HETATM 516 O O     . HOH C 2 .  ? 1.006   12.640  3.739   1.00 12.22 ? 48 HOH A O     1 
HETATM 517 O O     . HOH C 2 .  ? 9.856   0.425   7.047   1.00 34.93 ? 49 HOH A O     1 
HETATM 518 O O     . HOH C 2 .  ? -17.173 7.767   11.236  1.00 21.36 ? 50 HOH A O     1 
HETATM 519 O O     . HOH C 2 .  ? 2.221   -4.268  -0.204  1.00 2.00  ? 52 HOH A O     1 
HETATM 520 O O     . HOH C 2 .  ? -0.988  9.586   3.764   1.00 33.90 ? 54 HOH A O     1 
HETATM 521 O O     . HOH C 2 .  ? -1.623  -8.168  -5.957  1.00 33.83 ? 55 HOH A O     1 
HETATM 522 O O     . HOH C 2 .  ? 7.200   -1.207  6.869   1.00 31.86 ? 58 HOH A O     1 
HETATM 523 O O     . HOH C 2 .  ? -1.136  7.666   0.487   1.00 54.83 ? 62 HOH A O     1 
HETATM 524 O O     . HOH C 2 .  ? 3.761   -0.371  8.535   1.00 34.82 ? 63 HOH A O     1 
HETATM 525 O O     . HOH D 2 .  ? -3.744  -3.351  15.246  1.00 18.11 ? 26 HOH B O     1 
HETATM 526 O O     . HOH D 2 .  ? 16.308  -7.554  -9.480  1.00 29.01 ? 28 HOH B O     1 
HETATM 527 O O     . HOH D 2 .  ? 0.463   0.931   1.404   1.00 17.87 ? 30 HOH B O     1 
HETATM 528 O O     . HOH D 2 .  ? 3.192   -0.244  -7.249  1.00 4.06  ? 34 HOH B O     1 
HETATM 529 O O     . HOH D 2 .  ? -5.937  -1.729  12.665  1.00 33.37 ? 38 HOH B O     1 
HETATM 530 O O     . HOH D 2 .  ? -4.687  -5.071  -3.040  1.00 9.95  ? 40 HOH B O     1 
HETATM 531 O O     . HOH D 2 .  ? -1.038  -3.506  12.090  1.00 46.49 ? 42 HOH B O     1 
HETATM 532 O O     . HOH D 2 .  ? -7.057  -6.293  -7.084  1.00 18.97 ? 43 HOH B O     1 
HETATM 533 O O     . HOH D 2 .  ? 6.290   -1.927  -11.737 1.00 30.77 ? 44 HOH B O     1 
HETATM 534 O O     . HOH D 2 .  ? 14.544  -16.339 -4.039  1.00 63.52 ? 46 HOH B O     1 
HETATM 535 O O     . HOH D 2 .  ? -6.591  -7.621  -4.761  1.00 37.55 ? 51 HOH B O     1 
HETATM 536 O O     . HOH D 2 .  ? 16.354  -9.694  -3.157  1.00 42.82 ? 53 HOH B O     1 
HETATM 537 O O     . HOH D 2 .  ? -7.771  -0.951  -10.201 1.00 69.38 ? 56 HOH B O     1 
HETATM 538 O O     . HOH D 2 .  ? 8.781   -4.263  -12.591 1.00 48.40 ? 57 HOH B O     1 
HETATM 539 O O     . HOH D 2 .  ? -2.279  -6.220  7.539   1.00 40.93 ? 59 HOH B O     1 
HETATM 540 O O     . HOH D 2 .  ? 5.882   -4.634  -8.131  1.00 46.52 ? 60 HOH B O     1 
HETATM 541 O O     . HOH D 2 .  ? -8.115  -6.552  -10.291 1.00 44.06 ? 61 HOH B O     1 
# 
